data_1Z0S
#
_entry.id   1Z0S
#
_cell.length_a   55.252
_cell.length_b   69.731
_cell.length_c   76.287
_cell.angle_alpha   106.35
_cell.angle_beta   111.32
_cell.angle_gamma   101.30
#
_symmetry.space_group_name_H-M   'P 1'
#
loop_
_entity.id
_entity.type
_entity.pdbx_description
1 polymer 'Probable inorganic polyphosphate/ATP-NAD kinase'
2 non-polymer 'MAGNESIUM ION'
3 non-polymer "ADENOSINE-5'-TRIPHOSPHATE"
4 non-polymer 'PYROPHOSPHATE 2-'
5 water water
#
_entity_poly.entity_id   1
_entity_poly.type   'polypeptide(L)'
_entity_poly.pdbx_seq_one_letter_code
;MGSSHHHHHHDYDIPTTENLYFQGGGGGGMRAAVVYKTDGHVKRIEEALKRLEVEVELFNQPSEELENFDFIVSVGGDGT
ILRILQKLKRCPPIFGINTGRVGLLTHASPENFEVELKKAVEKFEVERFPRVSCSAMPDVLALNEIAVLSRKPAKMIDVA
LRVDGVEVDRIRCDGFIVATQIGSTGYAFSAGGPVVEPYLECFILIPIAPFRFGWKPYVVSMERKIEVIAEKAIVVADGQ
KSVDFDGEITIEKSEFPAVFFKNEKRFRNLFGKVRSIG
;
_entity_poly.pdbx_strand_id   A,B,C,D
#
loop_
_chem_comp.id
_chem_comp.type
_chem_comp.name
_chem_comp.formula
ATP non-polymer ADENOSINE-5'-TRIPHOSPHATE 'C10 H16 N5 O13 P3'
MG non-polymer 'MAGNESIUM ION' 'Mg 2'
POP non-polymer 'PYROPHOSPHATE 2-' 'H2 O7 P2 -2'
#
# COMPACT_ATOMS: atom_id res chain seq x y z
N MET A 30 -27.54 -7.74 -41.57
CA MET A 30 -27.10 -6.87 -40.43
C MET A 30 -26.11 -5.81 -40.91
N ARG A 31 -26.02 -4.72 -40.15
CA ARG A 31 -25.02 -3.69 -40.40
C ARG A 31 -24.16 -3.44 -39.18
N ALA A 32 -22.84 -3.34 -39.39
CA ALA A 32 -21.89 -3.13 -38.32
C ALA A 32 -21.07 -1.89 -38.60
N ALA A 33 -20.74 -1.16 -37.53
CA ALA A 33 -19.82 -0.04 -37.59
C ALA A 33 -18.47 -0.56 -37.16
N VAL A 34 -17.42 -0.17 -37.89
CA VAL A 34 -16.05 -0.50 -37.50
C VAL A 34 -15.35 0.80 -37.12
N VAL A 35 -14.97 0.93 -35.86
CA VAL A 35 -14.35 2.14 -35.35
C VAL A 35 -12.89 1.86 -35.11
N TYR A 36 -12.03 2.71 -35.64
CA TYR A 36 -10.58 2.51 -35.57
C TYR A 36 -9.84 3.79 -35.22
N LYS A 37 -8.87 3.65 -34.34
CA LYS A 37 -7.97 4.75 -33.94
C LYS A 37 -6.78 4.83 -34.90
N THR A 38 -6.31 3.66 -35.35
CA THR A 38 -5.28 3.56 -36.39
C THR A 38 -5.90 2.97 -37.64
N ASP A 39 -5.31 3.28 -38.78
CA ASP A 39 -5.86 2.95 -40.10
C ASP A 39 -5.63 1.48 -40.51
N GLY A 40 -4.73 0.79 -39.81
CA GLY A 40 -4.04 -0.39 -40.33
C GLY A 40 -4.84 -1.65 -40.66
N HIS A 41 -5.47 -2.24 -39.64
CA HIS A 41 -6.12 -3.55 -39.77
C HIS A 41 -7.54 -3.50 -40.32
N VAL A 42 -7.99 -2.33 -40.76
CA VAL A 42 -9.41 -2.10 -41.01
C VAL A 42 -9.92 -2.85 -42.24
N LYS A 43 -9.16 -2.85 -43.32
CA LYS A 43 -9.56 -3.54 -44.55
C LYS A 43 -9.77 -5.04 -44.31
N ARG A 44 -8.93 -5.62 -43.46
CA ARG A 44 -9.03 -7.03 -43.11
C ARG A 44 -10.34 -7.36 -42.37
N ILE A 45 -10.71 -6.49 -41.44
CA ILE A 45 -11.92 -6.68 -40.64
C ILE A 45 -13.16 -6.49 -41.50
N GLU A 46 -13.09 -5.58 -42.47
CA GLU A 46 -14.18 -5.31 -43.38
C GLU A 46 -14.50 -6.51 -44.26
N GLU A 47 -13.46 -7.20 -44.71
CA GLU A 47 -13.60 -8.39 -45.54
C GLU A 47 -14.19 -9.56 -44.76
N ALA A 48 -13.79 -9.69 -43.50
CA ALA A 48 -14.30 -10.73 -42.62
C ALA A 48 -15.80 -10.57 -42.40
N LEU A 49 -16.23 -9.32 -42.22
CA LEU A 49 -17.64 -9.01 -42.00
C LEU A 49 -18.47 -9.26 -43.26
N LYS A 50 -17.93 -8.92 -44.42
CA LYS A 50 -18.59 -9.16 -45.70
C LYS A 50 -18.80 -10.65 -45.95
N ARG A 51 -17.88 -11.48 -45.45
CA ARG A 51 -17.99 -12.93 -45.56
C ARG A 51 -19.10 -13.47 -44.64
N LEU A 52 -19.40 -12.72 -43.58
CA LEU A 52 -20.49 -13.04 -42.67
C LEU A 52 -21.81 -12.37 -43.11
N GLU A 53 -21.81 -11.78 -44.29
CA GLU A 53 -22.97 -11.10 -44.88
C GLU A 53 -23.45 -9.93 -44.03
N VAL A 54 -22.49 -9.16 -43.53
CA VAL A 54 -22.76 -7.97 -42.73
C VAL A 54 -22.26 -6.75 -43.50
N GLU A 55 -23.15 -5.81 -43.75
CA GLU A 55 -22.80 -4.51 -44.30
C GLU A 55 -21.93 -3.75 -43.31
N VAL A 56 -20.93 -3.03 -43.80
CA VAL A 56 -19.98 -2.35 -42.93
C VAL A 56 -19.94 -0.84 -43.20
N GLU A 57 -19.83 -0.06 -42.13
CA GLU A 57 -19.49 1.36 -42.24
C GLU A 57 -18.28 1.63 -41.37
N LEU A 58 -17.35 2.42 -41.90
CA LEU A 58 -16.09 2.72 -41.25
C LEU A 58 -16.12 4.08 -40.58
N PHE A 59 -15.55 4.16 -39.39
CA PHE A 59 -15.49 5.38 -38.59
C PHE A 59 -14.09 5.55 -38.00
N ASN A 60 -13.47 6.70 -38.26
CA ASN A 60 -12.13 7.00 -37.72
C ASN A 60 -12.25 7.63 -36.34
N GLN A 61 -13.40 8.24 -36.09
CA GLN A 61 -13.75 8.79 -34.79
C GLN A 61 -15.15 8.29 -34.43
N PRO A 62 -15.39 8.08 -33.15
CA PRO A 62 -16.75 7.71 -32.70
C PRO A 62 -17.72 8.86 -32.90
N SER A 63 -18.97 8.53 -33.21
CA SER A 63 -20.03 9.51 -33.23
C SER A 63 -21.34 8.90 -32.75
N GLU A 64 -22.33 9.76 -32.58
CA GLU A 64 -23.64 9.36 -32.10
C GLU A 64 -24.38 8.44 -33.10
N GLU A 65 -23.98 8.48 -34.36
CA GLU A 65 -24.57 7.62 -35.40
C GLU A 65 -24.36 6.14 -35.11
N LEU A 66 -23.37 5.81 -34.29
CA LEU A 66 -23.10 4.42 -33.95
C LEU A 66 -24.32 3.69 -33.34
N GLU A 67 -25.23 4.43 -32.71
CA GLU A 67 -26.48 3.85 -32.20
C GLU A 67 -27.34 3.18 -33.28
N ASN A 68 -27.16 3.58 -34.54
CA ASN A 68 -27.95 3.05 -35.67
C ASN A 68 -27.47 1.71 -36.25
N PHE A 69 -26.53 1.05 -35.59
CA PHE A 69 -25.95 -0.20 -36.09
C PHE A 69 -26.33 -1.38 -35.21
N ASP A 70 -26.36 -2.57 -35.80
CA ASP A 70 -26.67 -3.81 -35.10
C ASP A 70 -25.58 -4.21 -34.12
N PHE A 71 -24.35 -3.92 -34.49
CA PHE A 71 -23.24 -4.06 -33.56
C PHE A 71 -22.06 -3.21 -34.00
N ILE A 72 -21.07 -3.10 -33.12
CA ILE A 72 -19.90 -2.26 -33.31
C ILE A 72 -18.65 -3.10 -33.12
N VAL A 73 -17.69 -2.96 -34.03
CA VAL A 73 -16.37 -3.58 -33.89
C VAL A 73 -15.38 -2.44 -33.63
N SER A 74 -14.74 -2.47 -32.47
CA SER A 74 -13.75 -1.48 -32.08
C SER A 74 -12.37 -2.04 -32.33
N VAL A 75 -11.54 -1.27 -33.01
CA VAL A 75 -10.15 -1.65 -33.27
C VAL A 75 -9.26 -0.63 -32.57
N GLY A 76 -8.64 -1.06 -31.49
CA GLY A 76 -7.93 -0.17 -30.60
C GLY A 76 -7.74 -0.86 -29.26
N GLY A 77 -7.45 -0.08 -28.24
CA GLY A 77 -7.37 -0.60 -26.88
C GLY A 77 -8.64 -0.31 -26.13
N ASP A 78 -8.53 -0.24 -24.81
CA ASP A 78 -9.70 0.05 -23.97
C ASP A 78 -10.19 1.49 -24.10
N GLY A 79 -9.27 2.44 -24.29
CA GLY A 79 -9.64 3.84 -24.45
C GLY A 79 -10.53 4.09 -25.65
N THR A 80 -10.27 3.37 -26.74
CA THR A 80 -11.11 3.46 -27.91
C THR A 80 -12.53 2.99 -27.58
N ILE A 81 -12.65 1.92 -26.81
CA ILE A 81 -13.97 1.50 -26.36
C ILE A 81 -14.64 2.54 -25.44
N LEU A 82 -13.88 3.17 -24.55
CA LEU A 82 -14.46 4.18 -23.68
C LEU A 82 -14.98 5.38 -24.47
N ARG A 83 -14.27 5.74 -25.54
CA ARG A 83 -14.62 6.88 -26.37
C ARG A 83 -15.84 6.58 -27.23
N ILE A 84 -15.97 5.31 -27.66
CA ILE A 84 -17.17 4.87 -28.35
C ILE A 84 -18.36 5.00 -27.40
N LEU A 85 -18.18 4.54 -26.17
CA LEU A 85 -19.29 4.50 -25.21
C LEU A 85 -19.77 5.90 -24.86
N GLN A 86 -18.84 6.85 -24.84
CA GLN A 86 -19.18 8.25 -24.56
C GLN A 86 -20.22 8.81 -25.51
N LYS A 87 -20.30 8.24 -26.72
CA LYS A 87 -21.25 8.68 -27.74
C LYS A 87 -22.55 7.87 -27.76
N LEU A 88 -22.67 6.88 -26.88
CA LEU A 88 -23.76 5.93 -26.89
C LEU A 88 -24.60 5.98 -25.62
N LYS A 89 -25.90 6.26 -25.77
CA LYS A 89 -26.88 6.03 -24.71
C LYS A 89 -27.36 4.58 -24.83
N ARG A 90 -28.12 4.28 -25.87
CA ARG A 90 -28.48 2.89 -26.19
C ARG A 90 -27.23 2.32 -26.83
N CYS A 91 -26.83 1.14 -26.41
CA CYS A 91 -25.53 0.61 -26.81
C CYS A 91 -25.69 -0.68 -27.61
N PRO A 92 -25.41 -0.66 -28.91
CA PRO A 92 -25.33 -1.92 -29.66
C PRO A 92 -24.16 -2.73 -29.14
N PRO A 93 -24.21 -4.06 -29.19
CA PRO A 93 -23.11 -4.86 -28.66
C PRO A 93 -21.78 -4.53 -29.34
N ILE A 94 -20.73 -4.41 -28.52
CA ILE A 94 -19.39 -4.09 -28.97
C ILE A 94 -18.52 -5.32 -28.95
N PHE A 95 -17.78 -5.52 -30.05
CA PHE A 95 -16.73 -6.52 -30.16
C PHE A 95 -15.41 -5.77 -30.33
N GLY A 96 -14.47 -6.04 -29.44
CA GLY A 96 -13.21 -5.32 -29.43
C GLY A 96 -12.07 -6.15 -29.99
N ILE A 97 -11.31 -5.57 -30.91
CA ILE A 97 -10.10 -6.18 -31.44
C ILE A 97 -8.93 -5.38 -30.87
N ASN A 98 -8.11 -6.02 -30.06
CA ASN A 98 -7.12 -5.31 -29.26
C ASN A 98 -5.83 -5.00 -29.99
N THR A 99 -5.59 -3.71 -30.22
CA THR A 99 -4.30 -3.22 -30.70
C THR A 99 -3.63 -2.32 -29.65
N GLY A 100 -4.30 -2.09 -28.53
CA GLY A 100 -3.76 -1.32 -27.42
C GLY A 100 -2.96 -2.20 -26.47
N ARG A 101 -2.70 -1.67 -25.27
CA ARG A 101 -1.81 -2.35 -24.34
C ARG A 101 -2.41 -3.65 -23.80
N VAL A 102 -3.31 -3.58 -22.82
CA VAL A 102 -3.80 -4.79 -22.12
C VAL A 102 -5.14 -5.33 -22.65
N GLY A 103 -6.13 -4.46 -22.80
CA GLY A 103 -7.39 -4.84 -23.45
C GLY A 103 -8.35 -5.68 -22.63
N LEU A 104 -8.66 -5.23 -21.42
CA LEU A 104 -9.66 -5.91 -20.58
C LEU A 104 -11.06 -5.93 -21.19
N LEU A 105 -11.37 -4.94 -22.02
CA LEU A 105 -12.70 -4.83 -22.62
C LEU A 105 -12.81 -5.46 -24.03
N THR A 106 -11.71 -6.03 -24.53
CA THR A 106 -11.66 -6.59 -25.88
C THR A 106 -11.89 -8.11 -25.91
N HIS A 107 -12.07 -8.64 -27.10
CA HIS A 107 -12.41 -10.05 -27.31
C HIS A 107 -11.39 -10.86 -28.08
N ALA A 108 -10.54 -10.18 -28.86
CA ALA A 108 -9.64 -10.89 -29.75
C ALA A 108 -8.51 -9.96 -30.15
N SER A 109 -7.45 -10.54 -30.68
CA SER A 109 -6.33 -9.76 -31.19
C SER A 109 -6.41 -9.73 -32.72
N PRO A 110 -5.65 -8.83 -33.34
CA PRO A 110 -5.60 -8.75 -34.80
C PRO A 110 -5.08 -10.03 -35.47
N GLU A 111 -4.18 -10.75 -34.80
CA GLU A 111 -3.58 -11.96 -35.35
C GLU A 111 -4.61 -13.09 -35.54
N ASN A 112 -5.63 -13.11 -34.69
CA ASN A 112 -6.68 -14.12 -34.78
C ASN A 112 -8.00 -13.59 -34.19
N PHE A 113 -8.82 -12.99 -35.04
CA PHE A 113 -10.12 -12.44 -34.61
C PHE A 113 -11.31 -13.06 -35.33
N GLU A 114 -11.05 -13.72 -36.46
CA GLU A 114 -12.10 -14.14 -37.39
C GLU A 114 -13.04 -15.16 -36.76
N VAL A 115 -12.47 -16.16 -36.10
CA VAL A 115 -13.26 -17.21 -35.48
C VAL A 115 -14.10 -16.68 -34.31
N GLU A 116 -13.52 -15.79 -33.50
CA GLU A 116 -14.26 -15.23 -32.36
C GLU A 116 -15.34 -14.25 -32.82
N LEU A 117 -15.06 -13.49 -33.88
CA LEU A 117 -16.06 -12.60 -34.46
C LEU A 117 -17.22 -13.40 -35.05
N LYS A 118 -16.94 -14.48 -35.75
CA LYS A 118 -18.00 -15.33 -36.30
C LYS A 118 -18.89 -15.89 -35.20
N LYS A 119 -18.26 -16.40 -34.15
CA LYS A 119 -19.00 -16.95 -33.00
C LYS A 119 -19.86 -15.86 -32.36
N ALA A 120 -19.29 -14.67 -32.19
CA ALA A 120 -20.00 -13.57 -31.57
C ALA A 120 -21.27 -13.22 -32.33
N VAL A 121 -21.17 -13.12 -33.65
CA VAL A 121 -22.29 -12.67 -34.48
C VAL A 121 -23.35 -13.75 -34.65
N GLU A 122 -22.92 -15.01 -34.82
CA GLU A 122 -23.86 -16.10 -35.10
C GLU A 122 -24.68 -16.43 -33.85
N LYS A 123 -24.03 -16.38 -32.69
CA LYS A 123 -24.69 -16.64 -31.40
C LYS A 123 -25.40 -15.41 -30.83
N PHE A 124 -24.84 -14.23 -31.09
CA PHE A 124 -25.37 -12.96 -30.59
C PHE A 124 -25.75 -12.96 -29.09
N GLU A 125 -24.87 -13.52 -28.27
CA GLU A 125 -25.03 -13.51 -26.82
C GLU A 125 -24.31 -12.29 -26.28
N VAL A 126 -24.95 -11.55 -25.39
CA VAL A 126 -24.38 -10.32 -24.88
C VAL A 126 -24.31 -10.27 -23.35
N GLU A 127 -23.46 -9.35 -22.89
CA GLU A 127 -23.26 -9.03 -21.48
C GLU A 127 -23.41 -7.54 -21.31
N ARG A 128 -24.07 -7.15 -20.23
CA ARG A 128 -24.36 -5.76 -19.92
C ARG A 128 -23.64 -5.39 -18.62
N PHE A 129 -22.91 -4.29 -18.64
CA PHE A 129 -22.21 -3.78 -17.47
C PHE A 129 -22.69 -2.39 -17.19
N PRO A 130 -23.07 -2.14 -15.93
CA PRO A 130 -23.66 -0.85 -15.59
C PRO A 130 -22.75 0.34 -15.84
N ARG A 131 -23.36 1.44 -16.23
CA ARG A 131 -22.68 2.71 -16.29
C ARG A 131 -23.33 3.65 -15.31
N VAL A 132 -22.56 4.63 -14.86
CA VAL A 132 -23.06 5.57 -13.86
C VAL A 132 -23.15 6.95 -14.47
N SER A 133 -24.01 7.77 -13.88
CA SER A 133 -24.18 9.14 -14.29
C SER A 133 -23.77 10.04 -13.14
N CYS A 134 -23.58 11.29 -13.47
CA CYS A 134 -23.09 12.27 -12.54
C CYS A 134 -23.92 13.55 -12.68
N SER A 135 -24.34 14.14 -11.56
CA SER A 135 -25.29 15.25 -11.60
C SER A 135 -24.69 16.52 -12.22
N ALA A 136 -23.36 16.60 -12.22
CA ALA A 136 -22.63 17.72 -12.80
C ALA A 136 -22.61 17.68 -14.34
N MET A 137 -22.70 16.48 -14.91
CA MET A 137 -22.74 16.27 -16.35
C MET A 137 -23.90 15.33 -16.70
N PRO A 138 -25.12 15.85 -16.70
CA PRO A 138 -26.35 15.06 -16.87
C PRO A 138 -26.39 14.01 -17.98
N ASP A 139 -25.98 14.37 -19.20
CA ASP A 139 -26.06 13.45 -20.34
C ASP A 139 -24.79 12.59 -20.55
N VAL A 140 -23.91 12.56 -19.56
CA VAL A 140 -22.64 11.86 -19.69
C VAL A 140 -22.67 10.59 -18.85
N LEU A 141 -22.21 9.48 -19.44
CA LEU A 141 -22.20 8.18 -18.76
C LEU A 141 -20.76 7.65 -18.66
N ALA A 142 -20.47 6.89 -17.60
CA ALA A 142 -19.13 6.39 -17.37
C ALA A 142 -19.18 4.89 -17.06
N LEU A 143 -18.34 4.10 -17.72
CA LEU A 143 -18.20 2.68 -17.43
C LEU A 143 -17.16 2.38 -16.37
N ASN A 144 -16.06 3.12 -16.39
CA ASN A 144 -14.96 2.91 -15.44
C ASN A 144 -15.12 3.69 -14.15
N GLU A 145 -15.13 5.01 -14.26
CA GLU A 145 -15.20 5.87 -13.07
C GLU A 145 -15.59 7.29 -13.33
N ILE A 146 -16.10 7.93 -12.27
CA ILE A 146 -16.17 9.36 -12.16
C ILE A 146 -15.07 9.75 -11.19
N ALA A 147 -14.22 10.68 -11.60
CA ALA A 147 -13.12 11.18 -10.77
C ALA A 147 -13.30 12.66 -10.50
N VAL A 148 -13.10 13.07 -9.24
CA VAL A 148 -13.16 14.46 -8.82
C VAL A 148 -11.74 14.85 -8.48
N LEU A 149 -11.23 15.86 -9.16
CA LEU A 149 -9.84 16.26 -9.02
C LEU A 149 -9.72 17.75 -8.76
N SER A 150 -8.59 18.13 -8.19
CA SER A 150 -8.24 19.52 -8.02
C SER A 150 -8.12 20.22 -9.38
N ARG A 151 -8.69 21.40 -9.48
CA ARG A 151 -8.57 22.21 -10.69
C ARG A 151 -7.15 22.77 -10.84
N LYS A 152 -6.41 22.84 -9.73
CA LYS A 152 -5.04 23.38 -9.70
C LYS A 152 -4.03 22.24 -9.56
N PRO A 153 -3.13 22.08 -10.54
CA PRO A 153 -2.12 21.00 -10.48
C PRO A 153 -1.33 21.07 -9.18
N ALA A 154 -1.14 19.93 -8.51
CA ALA A 154 -0.31 19.84 -7.30
C ALA A 154 -0.88 20.56 -6.09
N LYS A 155 -2.17 20.85 -6.12
CA LYS A 155 -2.84 21.42 -4.96
C LYS A 155 -3.94 20.45 -4.58
N MET A 156 -4.12 20.26 -3.29
CA MET A 156 -5.13 19.36 -2.80
C MET A 156 -6.48 20.04 -2.78
N ILE A 157 -7.52 19.23 -2.80
CA ILE A 157 -8.89 19.62 -2.50
C ILE A 157 -9.36 18.89 -1.25
N ASP A 158 -10.34 19.46 -0.55
CA ASP A 158 -10.93 18.83 0.62
C ASP A 158 -12.20 18.18 0.10
N VAL A 159 -12.28 16.87 0.22
CA VAL A 159 -13.37 16.10 -0.36
C VAL A 159 -14.17 15.44 0.77
N ALA A 160 -15.49 15.62 0.78
CA ALA A 160 -16.36 14.86 1.67
C ALA A 160 -17.14 13.83 0.85
N LEU A 161 -17.34 12.66 1.45
CA LEU A 161 -18.01 11.55 0.78
C LEU A 161 -19.22 11.12 1.61
N ARG A 162 -20.37 11.01 0.96
CA ARG A 162 -21.60 10.55 1.59
C ARG A 162 -22.10 9.35 0.79
N VAL A 163 -22.60 8.35 1.49
CA VAL A 163 -23.20 7.17 0.84
C VAL A 163 -24.56 6.95 1.50
N ASP A 164 -25.61 6.85 0.68
CA ASP A 164 -26.99 6.79 1.15
C ASP A 164 -27.28 7.82 2.26
N GLY A 165 -26.84 9.06 2.03
CA GLY A 165 -27.20 10.18 2.87
C GLY A 165 -26.34 10.42 4.09
N VAL A 166 -25.41 9.51 4.36
CA VAL A 166 -24.55 9.60 5.55
C VAL A 166 -23.10 9.90 5.16
N GLU A 167 -22.52 10.90 5.82
CA GLU A 167 -21.13 11.26 5.58
C GLU A 167 -20.23 10.18 6.17
N VAL A 168 -19.52 9.49 5.29
CA VAL A 168 -18.66 8.36 5.64
C VAL A 168 -17.18 8.74 5.75
N ASP A 169 -16.78 9.85 5.12
CA ASP A 169 -15.39 10.30 5.20
C ASP A 169 -15.22 11.74 4.76
N ARG A 170 -14.15 12.36 5.26
CA ARG A 170 -13.68 13.64 4.77
C ARG A 170 -12.16 13.54 4.70
N ILE A 171 -11.58 13.89 3.57
CA ILE A 171 -10.13 13.72 3.35
C ILE A 171 -9.57 14.78 2.39
N ARG A 172 -8.36 15.24 2.67
CA ARG A 172 -7.61 16.11 1.75
C ARG A 172 -6.81 15.21 0.82
N CYS A 173 -6.90 15.46 -0.48
CA CYS A 173 -6.37 14.54 -1.48
C CYS A 173 -6.20 15.26 -2.82
N ASP A 174 -5.48 14.63 -3.74
CA ASP A 174 -5.39 15.18 -5.09
C ASP A 174 -6.70 15.08 -5.84
N GLY A 175 -7.44 14.05 -5.49
CA GLY A 175 -8.76 13.80 -6.04
C GLY A 175 -9.39 12.59 -5.43
N PHE A 176 -10.55 12.22 -5.93
CA PHE A 176 -11.29 11.10 -5.40
C PHE A 176 -11.99 10.36 -6.53
N ILE A 177 -11.92 9.03 -6.49
CA ILE A 177 -12.45 8.19 -7.55
C ILE A 177 -13.67 7.41 -7.05
N VAL A 178 -14.73 7.41 -7.86
CA VAL A 178 -15.91 6.56 -7.67
C VAL A 178 -15.99 5.66 -8.90
N ALA A 179 -15.53 4.42 -8.74
CA ALA A 179 -15.38 3.49 -9.86
C ALA A 179 -16.42 2.38 -9.78
N THR A 180 -16.77 1.81 -10.93
CA THR A 180 -17.50 0.56 -10.95
C THR A 180 -16.51 -0.59 -10.83
N GLN A 181 -17.03 -1.81 -10.74
CA GLN A 181 -16.14 -2.96 -10.71
C GLN A 181 -15.32 -3.06 -12.00
N ILE A 182 -15.86 -2.64 -13.14
CA ILE A 182 -15.11 -2.63 -14.38
C ILE A 182 -13.95 -1.64 -14.29
N GLY A 183 -14.20 -0.53 -13.60
CA GLY A 183 -13.16 0.45 -13.33
C GLY A 183 -12.14 0.07 -12.28
N SER A 184 -12.31 -1.06 -11.61
CA SER A 184 -11.38 -1.46 -10.56
C SER A 184 -9.97 -1.70 -11.11
N THR A 185 -9.86 -1.98 -12.40
CA THR A 185 -8.56 -2.16 -13.03
C THR A 185 -8.03 -0.92 -13.75
N GLY A 186 -8.63 0.24 -13.48
CA GLY A 186 -8.27 1.49 -14.13
C GLY A 186 -7.68 2.49 -13.15
N TYR A 187 -8.24 3.69 -13.12
CA TYR A 187 -7.76 4.74 -12.23
C TYR A 187 -7.73 4.25 -10.77
N ALA A 188 -8.77 3.54 -10.35
CA ALA A 188 -8.83 3.04 -8.97
C ALA A 188 -7.69 2.09 -8.67
N PHE A 189 -7.31 1.23 -9.63
CA PHE A 189 -6.15 0.34 -9.52
C PHE A 189 -4.86 1.15 -9.27
N SER A 190 -4.69 2.23 -10.03
CA SER A 190 -3.52 3.07 -9.92
C SER A 190 -3.43 3.77 -8.56
N ALA A 191 -4.59 4.09 -8.00
CA ALA A 191 -4.70 4.74 -6.70
C ALA A 191 -4.53 3.76 -5.53
N GLY A 192 -4.38 2.48 -5.84
CA GLY A 192 -4.16 1.42 -4.86
C GLY A 192 -5.35 0.56 -4.50
N GLY A 193 -6.36 0.52 -5.37
CA GLY A 193 -7.58 -0.20 -5.10
C GLY A 193 -7.48 -1.69 -5.41
N PRO A 194 -8.48 -2.46 -4.96
CA PRO A 194 -8.50 -3.90 -5.19
C PRO A 194 -8.97 -4.25 -6.58
N VAL A 195 -8.59 -5.41 -7.07
CA VAL A 195 -9.13 -5.90 -8.33
C VAL A 195 -10.43 -6.64 -8.02
N VAL A 196 -11.53 -6.20 -8.62
CA VAL A 196 -12.84 -6.80 -8.40
C VAL A 196 -13.29 -7.45 -9.67
N GLU A 197 -13.80 -8.66 -9.57
CA GLU A 197 -14.19 -9.40 -10.77
C GLU A 197 -15.36 -8.68 -11.47
N PRO A 198 -15.42 -8.79 -12.79
CA PRO A 198 -16.39 -7.97 -13.55
C PRO A 198 -17.86 -8.31 -13.28
N TYR A 199 -18.15 -9.47 -12.69
CA TYR A 199 -19.53 -9.90 -12.44
C TYR A 199 -20.03 -9.63 -11.04
N LEU A 200 -19.22 -8.97 -10.22
CA LEU A 200 -19.65 -8.51 -8.89
C LEU A 200 -19.93 -7.02 -8.96
N GLU A 201 -21.20 -6.66 -8.95
CA GLU A 201 -21.58 -5.26 -9.13
C GLU A 201 -21.34 -4.47 -7.85
N CYS A 202 -20.51 -3.42 -7.95
CA CYS A 202 -20.23 -2.56 -6.80
C CYS A 202 -19.56 -1.26 -7.21
N PHE A 203 -19.47 -0.33 -6.26
CA PHE A 203 -18.66 0.88 -6.38
C PHE A 203 -17.37 0.66 -5.59
N ILE A 204 -16.26 1.16 -6.11
CA ILE A 204 -15.02 1.29 -5.36
C ILE A 204 -14.77 2.76 -5.11
N LEU A 205 -14.65 3.14 -3.84
CA LEU A 205 -14.49 4.54 -3.44
C LEU A 205 -13.08 4.72 -2.89
N ILE A 206 -12.27 5.54 -3.54
CA ILE A 206 -10.84 5.60 -3.24
C ILE A 206 -10.21 6.96 -3.57
N PRO A 207 -9.43 7.52 -2.64
CA PRO A 207 -8.72 8.79 -2.87
C PRO A 207 -7.45 8.64 -3.69
N ILE A 208 -7.10 9.68 -4.44
CA ILE A 208 -5.83 9.80 -5.13
C ILE A 208 -4.94 10.67 -4.25
N ALA A 209 -3.79 10.13 -3.86
CA ALA A 209 -2.80 10.83 -3.04
C ALA A 209 -3.43 11.51 -1.81
N PRO A 210 -4.03 10.72 -0.93
CA PRO A 210 -4.62 11.28 0.31
C PRO A 210 -3.55 11.71 1.31
N PHE A 211 -3.72 12.90 1.87
CA PHE A 211 -2.81 13.40 2.88
C PHE A 211 -3.44 13.07 4.22
N ARG A 212 -3.28 11.81 4.59
CA ARG A 212 -3.74 11.29 5.87
C ARG A 212 -2.96 10.04 6.26
N PHE A 213 -2.71 9.89 7.55
CA PHE A 213 -1.94 8.76 8.07
C PHE A 213 -2.57 7.39 7.70
N GLY A 214 -3.87 7.29 7.78
CA GLY A 214 -4.61 6.08 7.45
C GLY A 214 -5.69 6.38 6.43
N TRP A 215 -5.88 5.46 5.50
CA TRP A 215 -7.02 5.49 4.59
C TRP A 215 -7.22 4.08 4.01
N LYS A 216 -8.45 3.80 3.59
CA LYS A 216 -8.78 2.54 2.91
C LYS A 216 -9.69 2.78 1.72
N PRO A 217 -9.57 1.97 0.67
CA PRO A 217 -10.63 1.91 -0.35
C PRO A 217 -11.88 1.32 0.31
N TYR A 218 -13.04 1.82 -0.07
CA TYR A 218 -14.31 1.28 0.39
C TYR A 218 -15.02 0.65 -0.79
N VAL A 219 -15.58 -0.53 -0.60
CA VAL A 219 -16.33 -1.20 -1.63
C VAL A 219 -17.77 -1.34 -1.15
N VAL A 220 -18.70 -0.72 -1.89
CA VAL A 220 -20.10 -0.70 -1.50
C VAL A 220 -21.03 -1.13 -2.63
N SER A 221 -22.26 -1.45 -2.27
CA SER A 221 -23.26 -1.86 -3.24
C SER A 221 -23.49 -0.73 -4.26
N MET A 222 -23.70 -1.10 -5.51
CA MET A 222 -23.97 -0.13 -6.57
C MET A 222 -25.42 0.34 -6.59
N GLU A 223 -26.20 -0.13 -5.63
CA GLU A 223 -27.56 0.33 -5.46
C GLU A 223 -27.59 1.61 -4.60
N ARG A 224 -26.48 1.90 -3.94
CA ARG A 224 -26.40 3.06 -3.06
C ARG A 224 -26.08 4.34 -3.86
N LYS A 225 -26.54 5.46 -3.32
CA LYS A 225 -26.32 6.77 -3.91
C LYS A 225 -25.04 7.32 -3.32
N ILE A 226 -24.14 7.78 -4.18
CA ILE A 226 -22.88 8.36 -3.75
C ILE A 226 -22.92 9.86 -3.99
N GLU A 227 -22.47 10.62 -3.00
CA GLU A 227 -22.34 12.07 -3.16
C GLU A 227 -20.90 12.45 -2.82
N VAL A 228 -20.30 13.28 -3.66
CA VAL A 228 -18.97 13.80 -3.43
C VAL A 228 -19.07 15.32 -3.37
N ILE A 229 -18.46 15.91 -2.35
CA ILE A 229 -18.57 17.33 -2.11
C ILE A 229 -17.18 17.94 -2.08
N ALA A 230 -16.95 18.94 -2.93
CA ALA A 230 -15.64 19.55 -3.05
C ALA A 230 -15.74 20.90 -3.74
N GLU A 231 -14.88 21.82 -3.33
CA GLU A 231 -14.77 23.13 -3.96
C GLU A 231 -13.52 23.14 -4.85
N LYS A 232 -13.53 24.01 -5.86
CA LYS A 232 -12.38 24.23 -6.74
C LYS A 232 -11.92 22.93 -7.39
N ALA A 233 -12.89 22.16 -7.88
CA ALA A 233 -12.62 20.85 -8.43
C ALA A 233 -13.05 20.75 -9.88
N ILE A 234 -12.64 19.65 -10.51
CA ILE A 234 -13.16 19.25 -11.80
C ILE A 234 -13.66 17.81 -11.70
N VAL A 235 -14.69 17.48 -12.46
CA VAL A 235 -15.20 16.12 -12.50
C VAL A 235 -14.94 15.57 -13.90
N VAL A 236 -14.42 14.35 -13.96
CA VAL A 236 -14.04 13.69 -15.20
C VAL A 236 -14.69 12.31 -15.31
N ALA A 237 -15.32 12.05 -16.45
CA ALA A 237 -15.91 10.74 -16.72
C ALA A 237 -15.04 9.94 -17.66
N ASP A 238 -14.59 8.79 -17.17
CA ASP A 238 -13.80 7.81 -17.94
C ASP A 238 -12.55 8.38 -18.60
N GLY A 239 -12.01 9.46 -18.03
CA GLY A 239 -10.82 10.11 -18.57
C GLY A 239 -11.02 10.84 -19.88
N GLN A 240 -12.29 11.09 -20.24
CA GLN A 240 -12.63 11.62 -21.56
C GLN A 240 -13.30 12.99 -21.53
N LYS A 241 -14.25 13.18 -20.62
CA LYS A 241 -15.07 14.38 -20.60
C LYS A 241 -15.05 14.99 -19.22
N SER A 242 -14.95 16.30 -19.15
CA SER A 242 -14.81 16.97 -17.87
C SER A 242 -15.51 18.32 -17.79
N VAL A 243 -15.86 18.70 -16.57
CA VAL A 243 -16.41 20.02 -16.29
C VAL A 243 -15.92 20.47 -14.91
N ASP A 244 -15.74 21.78 -14.76
CA ASP A 244 -15.48 22.37 -13.46
C ASP A 244 -16.76 22.31 -12.63
N PHE A 245 -16.61 22.15 -11.32
CA PHE A 245 -17.73 22.25 -10.41
C PHE A 245 -17.28 22.64 -9.02
N ASP A 246 -18.23 23.18 -8.26
CA ASP A 246 -18.09 23.45 -6.84
C ASP A 246 -19.35 22.99 -6.13
N GLY A 247 -19.19 22.33 -4.99
CA GLY A 247 -20.32 21.90 -4.19
C GLY A 247 -20.51 20.41 -4.27
N GLU A 248 -21.76 19.98 -4.39
CA GLU A 248 -22.14 18.58 -4.30
C GLU A 248 -22.41 18.00 -5.69
N ILE A 249 -21.86 16.83 -5.95
CA ILE A 249 -22.28 16.02 -7.09
C ILE A 249 -22.83 14.68 -6.61
N THR A 250 -23.80 14.16 -7.33
CA THR A 250 -24.39 12.88 -7.04
C THR A 250 -24.03 11.93 -8.16
N ILE A 251 -23.66 10.70 -7.79
CA ILE A 251 -23.29 9.65 -8.73
C ILE A 251 -24.14 8.40 -8.46
N GLU A 252 -24.82 7.90 -9.50
CA GLU A 252 -25.65 6.71 -9.36
C GLU A 252 -25.65 5.87 -10.61
N LYS A 253 -25.99 4.60 -10.44
CA LYS A 253 -26.20 3.68 -11.57
C LYS A 253 -27.30 4.18 -12.52
N SER A 254 -26.98 4.17 -13.81
CA SER A 254 -27.92 4.59 -14.85
C SER A 254 -28.67 3.41 -15.45
N GLU A 255 -29.63 3.71 -16.33
CA GLU A 255 -30.44 2.69 -16.99
C GLU A 255 -29.87 2.26 -18.34
N PHE A 256 -28.67 2.74 -18.67
CA PHE A 256 -28.08 2.49 -19.96
C PHE A 256 -26.70 1.85 -19.85
N PRO A 257 -26.67 0.54 -19.71
CA PRO A 257 -25.39 -0.17 -19.53
C PRO A 257 -24.54 -0.19 -20.80
N ALA A 258 -23.27 -0.48 -20.62
CA ALA A 258 -22.37 -0.81 -21.72
C ALA A 258 -22.69 -2.25 -22.13
N VAL A 259 -22.80 -2.49 -23.43
CA VAL A 259 -23.16 -3.82 -23.94
C VAL A 259 -22.03 -4.38 -24.78
N PHE A 260 -21.58 -5.58 -24.41
CA PHE A 260 -20.53 -6.28 -25.13
C PHE A 260 -21.01 -7.66 -25.57
N PHE A 261 -20.40 -8.19 -26.61
CA PHE A 261 -20.62 -9.58 -26.90
C PHE A 261 -20.06 -10.36 -25.72
N LYS A 262 -20.69 -11.47 -25.39
CA LYS A 262 -20.24 -12.30 -24.29
C LYS A 262 -18.82 -12.78 -24.55
N ASN A 263 -17.96 -12.55 -23.56
CA ASN A 263 -16.59 -13.05 -23.55
C ASN A 263 -16.58 -14.14 -22.49
N GLU A 264 -16.62 -15.38 -22.95
CA GLU A 264 -16.66 -16.55 -22.07
C GLU A 264 -15.42 -16.66 -21.19
N LYS A 265 -14.32 -16.02 -21.60
CA LYS A 265 -13.06 -16.09 -20.88
C LYS A 265 -12.74 -14.83 -20.08
N ARG A 266 -13.74 -13.98 -19.84
CA ARG A 266 -13.52 -12.70 -19.16
C ARG A 266 -12.96 -12.87 -17.76
N PHE A 267 -13.56 -13.74 -16.96
CA PHE A 267 -13.11 -13.94 -15.58
C PHE A 267 -11.71 -14.55 -15.57
N ARG A 268 -11.54 -15.59 -16.37
CA ARG A 268 -10.28 -16.31 -16.47
C ARG A 268 -9.14 -15.41 -16.96
N ASN A 269 -9.43 -14.55 -17.93
CA ASN A 269 -8.40 -13.68 -18.52
C ASN A 269 -8.02 -12.52 -17.61
N LEU A 270 -8.89 -12.20 -16.65
CA LEU A 270 -8.70 -11.03 -15.78
C LEU A 270 -7.33 -11.03 -15.09
N PHE A 271 -6.95 -12.17 -14.52
CA PHE A 271 -5.79 -12.24 -13.66
C PHE A 271 -4.49 -12.07 -14.42
N GLY A 272 -4.39 -12.69 -15.59
CA GLY A 272 -3.21 -12.54 -16.43
C GLY A 272 -3.07 -11.13 -16.98
N LYS A 273 -4.19 -10.55 -17.43
CA LYS A 273 -4.23 -9.19 -17.96
C LYS A 273 -3.80 -8.17 -16.92
N VAL A 274 -4.32 -8.32 -15.70
CA VAL A 274 -3.99 -7.45 -14.59
C VAL A 274 -2.49 -7.47 -14.31
N ARG A 275 -1.89 -8.65 -14.32
CA ARG A 275 -0.45 -8.80 -14.05
C ARG A 275 0.41 -8.15 -15.14
N SER A 276 -0.19 -7.93 -16.31
CA SER A 276 0.46 -7.29 -17.46
C SER A 276 0.30 -5.77 -17.52
N ILE A 277 -0.48 -5.19 -16.60
CA ILE A 277 -0.71 -3.74 -16.58
C ILE A 277 0.61 -3.00 -16.33
N GLY A 278 0.85 -2.00 -17.18
CA GLY A 278 2.07 -1.22 -17.14
C GLY A 278 2.46 -0.79 -18.54
N MET B 30 -39.05 -17.12 26.59
CA MET B 30 -37.96 -17.69 25.82
C MET B 30 -36.90 -18.13 26.81
N ARG B 31 -35.86 -18.79 26.31
CA ARG B 31 -34.66 -19.03 27.08
C ARG B 31 -33.46 -18.43 26.36
N ALA B 32 -32.66 -17.66 27.07
CA ALA B 32 -31.43 -17.13 26.52
C ALA B 32 -30.23 -17.67 27.27
N ALA B 33 -29.12 -17.80 26.55
CA ALA B 33 -27.83 -18.13 27.12
C ALA B 33 -27.02 -16.85 27.14
N VAL B 34 -26.36 -16.57 28.26
CA VAL B 34 -25.46 -15.43 28.35
C VAL B 34 -24.05 -16.00 28.44
N VAL B 35 -23.23 -15.71 27.44
CA VAL B 35 -21.85 -16.17 27.40
C VAL B 35 -20.94 -15.00 27.74
N TYR B 36 -20.00 -15.21 28.64
CA TYR B 36 -19.15 -14.13 29.10
C TYR B 36 -17.68 -14.52 29.20
N LYS B 37 -16.83 -13.76 28.52
CA LYS B 37 -15.38 -13.85 28.69
C LYS B 37 -14.99 -13.33 30.07
N THR B 38 -15.50 -12.17 30.45
CA THR B 38 -15.33 -11.61 31.81
C THR B 38 -16.66 -11.58 32.56
N ASP B 39 -16.59 -11.70 33.88
CA ASP B 39 -17.76 -11.89 34.75
C ASP B 39 -18.43 -10.59 35.24
N GLY B 40 -18.05 -9.45 34.68
CA GLY B 40 -18.42 -8.14 35.23
C GLY B 40 -19.90 -7.77 35.19
N HIS B 41 -20.43 -7.63 33.98
CA HIS B 41 -21.78 -7.10 33.76
C HIS B 41 -22.87 -8.17 33.73
N VAL B 42 -22.50 -9.41 34.02
CA VAL B 42 -23.42 -10.54 33.82
C VAL B 42 -24.67 -10.42 34.68
N LYS B 43 -24.53 -10.02 35.95
CA LYS B 43 -25.67 -9.88 36.85
C LYS B 43 -26.68 -8.84 36.34
N ARG B 44 -26.17 -7.71 35.86
CA ARG B 44 -26.96 -6.66 35.23
C ARG B 44 -27.77 -7.19 34.04
N ILE B 45 -27.12 -8.00 33.22
CA ILE B 45 -27.72 -8.49 31.98
C ILE B 45 -28.78 -9.55 32.27
N GLU B 46 -28.49 -10.42 33.22
CA GLU B 46 -29.42 -11.47 33.66
C GLU B 46 -30.70 -10.86 34.23
N GLU B 47 -30.57 -9.82 35.05
CA GLU B 47 -31.72 -9.15 35.64
C GLU B 47 -32.57 -8.45 34.58
N ALA B 48 -31.93 -7.91 33.55
CA ALA B 48 -32.62 -7.27 32.43
C ALA B 48 -33.42 -8.27 31.60
N LEU B 49 -32.84 -9.44 31.35
CA LEU B 49 -33.54 -10.52 30.64
C LEU B 49 -34.72 -11.03 31.46
N LYS B 50 -34.54 -11.10 32.78
CA LYS B 50 -35.60 -11.49 33.71
C LYS B 50 -36.80 -10.54 33.64
N ARG B 51 -36.53 -9.25 33.43
CA ARG B 51 -37.59 -8.24 33.26
C ARG B 51 -38.39 -8.47 31.99
N LEU B 52 -37.73 -8.98 30.95
CA LEU B 52 -38.35 -9.31 29.68
C LEU B 52 -38.96 -10.72 29.67
N GLU B 53 -39.05 -11.32 30.86
CA GLU B 53 -39.58 -12.67 31.06
C GLU B 53 -38.90 -13.71 30.17
N VAL B 54 -37.57 -13.67 30.20
CA VAL B 54 -36.72 -14.61 29.51
C VAL B 54 -35.96 -15.41 30.57
N GLU B 55 -36.04 -16.73 30.47
CA GLU B 55 -35.26 -17.64 31.31
C GLU B 55 -33.79 -17.62 30.89
N VAL B 56 -32.89 -17.49 31.86
CA VAL B 56 -31.47 -17.29 31.60
C VAL B 56 -30.64 -18.47 32.08
N GLU B 57 -29.63 -18.83 31.28
CA GLU B 57 -28.59 -19.77 31.70
C GLU B 57 -27.22 -19.18 31.37
N LEU B 58 -26.32 -19.23 32.34
CA LEU B 58 -25.01 -18.59 32.22
C LEU B 58 -23.96 -19.59 31.75
N PHE B 59 -23.04 -19.10 30.93
CA PHE B 59 -21.99 -19.91 30.33
C PHE B 59 -20.66 -19.19 30.45
N ASN B 60 -19.73 -19.75 31.22
CA ASN B 60 -18.37 -19.22 31.33
C ASN B 60 -17.59 -19.37 30.03
N GLN B 61 -18.00 -20.33 29.20
CA GLN B 61 -17.41 -20.51 27.88
C GLN B 61 -18.39 -21.15 26.89
N PRO B 62 -18.14 -20.94 25.60
CA PRO B 62 -18.96 -21.50 24.52
C PRO B 62 -19.11 -23.03 24.56
N SER B 63 -20.30 -23.49 24.21
CA SER B 63 -20.63 -24.90 24.15
C SER B 63 -21.56 -25.14 22.97
N GLU B 64 -21.59 -26.38 22.48
CA GLU B 64 -22.56 -26.79 21.47
C GLU B 64 -23.99 -26.81 22.05
N GLU B 65 -24.09 -26.75 23.38
CA GLU B 65 -25.37 -26.63 24.08
C GLU B 65 -26.09 -25.32 23.77
N LEU B 66 -25.35 -24.31 23.37
CA LEU B 66 -25.93 -23.01 23.01
C LEU B 66 -26.94 -23.10 21.86
N GLU B 67 -26.86 -24.15 21.04
CA GLU B 67 -27.83 -24.37 19.97
C GLU B 67 -29.27 -24.54 20.47
N ASN B 68 -29.42 -24.93 21.74
CA ASN B 68 -30.70 -25.22 22.37
C ASN B 68 -31.37 -24.03 23.07
N PHE B 69 -30.98 -22.81 22.67
CA PHE B 69 -31.57 -21.59 23.22
C PHE B 69 -32.23 -20.79 22.11
N ASP B 70 -33.17 -19.94 22.50
CA ASP B 70 -33.87 -19.05 21.57
C ASP B 70 -33.00 -17.91 21.07
N PHE B 71 -32.14 -17.40 21.95
CA PHE B 71 -31.12 -16.45 21.55
C PHE B 71 -29.95 -16.45 22.52
N ILE B 72 -28.87 -15.81 22.09
CA ILE B 72 -27.61 -15.79 22.84
C ILE B 72 -27.21 -14.34 23.04
N VAL B 73 -26.80 -14.00 24.25
CA VAL B 73 -26.20 -12.71 24.54
C VAL B 73 -24.73 -12.94 24.84
N SER B 74 -23.88 -12.34 24.02
CA SER B 74 -22.42 -12.41 24.14
C SER B 74 -21.92 -11.18 24.88
N VAL B 75 -21.17 -11.39 25.95
CA VAL B 75 -20.53 -10.31 26.69
C VAL B 75 -19.02 -10.40 26.49
N GLY B 76 -18.50 -9.47 25.70
CA GLY B 76 -17.11 -9.46 25.28
C GLY B 76 -16.95 -8.67 24.01
N GLY B 77 -15.83 -8.86 23.33
CA GLY B 77 -15.61 -8.25 22.03
C GLY B 77 -15.98 -9.18 20.89
N ASP B 78 -15.44 -8.90 19.71
CA ASP B 78 -15.73 -9.69 18.52
C ASP B 78 -15.20 -11.12 18.64
N GLY B 79 -14.05 -11.30 19.28
CA GLY B 79 -13.49 -12.63 19.50
C GLY B 79 -14.39 -13.59 20.26
N THR B 80 -15.09 -13.07 21.26
CA THR B 80 -16.05 -13.87 22.02
C THR B 80 -17.15 -14.37 21.09
N ILE B 81 -17.63 -13.49 20.22
CA ILE B 81 -18.63 -13.87 19.22
C ILE B 81 -18.09 -14.94 18.25
N LEU B 82 -16.84 -14.81 17.81
CA LEU B 82 -16.28 -15.81 16.89
C LEU B 82 -16.20 -17.18 17.57
N ARG B 83 -15.89 -17.19 18.86
CA ARG B 83 -15.74 -18.44 19.61
C ARG B 83 -17.09 -19.11 19.87
N ILE B 84 -18.12 -18.31 20.11
CA ILE B 84 -19.48 -18.80 20.20
C ILE B 84 -19.89 -19.48 18.87
N LEU B 85 -19.63 -18.80 17.76
CA LEU B 85 -20.03 -19.29 16.45
C LEU B 85 -19.37 -20.61 16.08
N GLN B 86 -18.12 -20.80 16.51
CA GLN B 86 -17.37 -22.04 16.28
C GLN B 86 -18.08 -23.26 16.85
N LYS B 87 -18.91 -23.06 17.89
CA LYS B 87 -19.69 -24.13 18.52
C LYS B 87 -21.11 -24.30 17.96
N LEU B 88 -21.45 -23.51 16.95
CA LEU B 88 -22.81 -23.46 16.41
C LEU B 88 -22.85 -23.77 14.92
N LYS B 89 -23.68 -24.75 14.58
CA LYS B 89 -24.06 -25.03 13.20
C LYS B 89 -25.34 -24.23 12.92
N ARG B 90 -26.47 -24.68 13.47
CA ARG B 90 -27.68 -23.86 13.49
C ARG B 90 -27.43 -22.76 14.51
N CYS B 91 -27.60 -21.51 14.12
CA CYS B 91 -27.23 -20.38 14.97
C CYS B 91 -28.46 -19.64 15.49
N PRO B 92 -28.75 -19.71 16.79
CA PRO B 92 -29.73 -18.80 17.38
C PRO B 92 -29.23 -17.37 17.25
N PRO B 93 -30.11 -16.38 17.07
CA PRO B 93 -29.65 -15.00 16.95
C PRO B 93 -28.77 -14.55 18.13
N ILE B 94 -27.66 -13.89 17.82
CA ILE B 94 -26.73 -13.39 18.81
C ILE B 94 -26.89 -11.89 18.99
N PHE B 95 -26.89 -11.44 20.24
CA PHE B 95 -26.86 -10.04 20.62
C PHE B 95 -25.55 -9.78 21.37
N GLY B 96 -24.72 -8.89 20.85
CA GLY B 96 -23.40 -8.62 21.40
C GLY B 96 -23.38 -7.38 22.28
N ILE B 97 -22.87 -7.52 23.49
CA ILE B 97 -22.61 -6.39 24.37
C ILE B 97 -21.09 -6.22 24.41
N ASN B 98 -20.62 -5.09 23.88
CA ASN B 98 -19.20 -4.89 23.63
C ASN B 98 -18.43 -4.40 24.85
N THR B 99 -17.59 -5.28 25.40
CA THR B 99 -16.58 -4.92 26.39
C THR B 99 -15.19 -4.93 25.76
N GLY B 100 -15.13 -5.27 24.47
CA GLY B 100 -13.88 -5.32 23.73
C GLY B 100 -13.41 -3.95 23.26
N ARG B 101 -12.87 -3.91 22.05
CA ARG B 101 -12.13 -2.76 21.55
C ARG B 101 -12.87 -1.98 20.45
N VAL B 102 -13.25 -2.65 19.36
CA VAL B 102 -14.01 -1.98 18.30
C VAL B 102 -15.45 -2.52 18.16
N GLY B 103 -15.62 -3.83 18.18
CA GLY B 103 -16.95 -4.41 18.27
C GLY B 103 -17.81 -4.19 17.03
N LEU B 104 -17.28 -4.60 15.89
CA LEU B 104 -18.03 -4.59 14.63
C LEU B 104 -19.22 -5.56 14.62
N LEU B 105 -19.17 -6.58 15.48
CA LEU B 105 -20.22 -7.60 15.53
C LEU B 105 -21.21 -7.39 16.68
N THR B 106 -20.97 -6.37 17.50
CA THR B 106 -21.81 -6.10 18.69
C THR B 106 -22.93 -5.09 18.43
N HIS B 107 -23.88 -5.02 19.35
CA HIS B 107 -25.07 -4.18 19.21
C HIS B 107 -25.18 -3.06 20.23
N ALA B 108 -24.38 -3.13 21.29
CA ALA B 108 -24.51 -2.19 22.39
C ALA B 108 -23.30 -2.25 23.30
N SER B 109 -23.13 -1.21 24.10
CA SER B 109 -22.10 -1.19 25.14
C SER B 109 -22.77 -1.54 26.47
N PRO B 110 -21.99 -1.87 27.49
CA PRO B 110 -22.53 -2.13 28.83
C PRO B 110 -23.22 -0.91 29.47
N GLU B 111 -22.87 0.30 29.06
CA GLU B 111 -23.45 1.51 29.64
C GLU B 111 -24.90 1.74 29.21
N ASN B 112 -25.25 1.25 28.02
CA ASN B 112 -26.61 1.39 27.52
C ASN B 112 -26.99 0.23 26.61
N PHE B 113 -27.37 -0.89 27.21
CA PHE B 113 -27.76 -2.08 26.46
C PHE B 113 -29.24 -2.44 26.62
N GLU B 114 -29.88 -1.97 27.69
CA GLU B 114 -31.24 -2.42 28.00
C GLU B 114 -32.28 -2.04 26.95
N VAL B 115 -32.15 -0.85 26.37
CA VAL B 115 -33.10 -0.41 25.34
C VAL B 115 -32.93 -1.21 24.05
N GLU B 116 -31.68 -1.37 23.61
CA GLU B 116 -31.41 -2.14 22.39
C GLU B 116 -31.77 -3.61 22.57
N LEU B 117 -31.53 -4.15 23.76
CA LEU B 117 -31.86 -5.55 24.06
C LEU B 117 -33.38 -5.76 24.02
N LYS B 118 -34.14 -4.81 24.58
CA LYS B 118 -35.60 -4.86 24.56
C LYS B 118 -36.14 -4.87 23.12
N LYS B 119 -35.63 -3.98 22.29
CA LYS B 119 -36.00 -3.93 20.88
C LYS B 119 -35.70 -5.25 20.19
N ALA B 120 -34.54 -5.85 20.49
CA ALA B 120 -34.15 -7.12 19.89
C ALA B 120 -35.10 -8.25 20.26
N VAL B 121 -35.38 -8.39 21.54
CA VAL B 121 -36.22 -9.49 22.00
C VAL B 121 -37.64 -9.33 21.47
N GLU B 122 -38.14 -8.09 21.43
CA GLU B 122 -39.55 -7.82 21.12
C GLU B 122 -39.84 -7.88 19.63
N LYS B 123 -38.98 -7.26 18.82
CA LYS B 123 -39.12 -7.26 17.36
C LYS B 123 -38.65 -8.59 16.78
N PHE B 124 -37.59 -9.13 17.37
CA PHE B 124 -36.95 -10.37 16.91
C PHE B 124 -36.66 -10.40 15.41
N GLU B 125 -36.15 -9.28 14.89
CA GLU B 125 -35.67 -9.18 13.52
C GLU B 125 -34.19 -9.57 13.51
N VAL B 126 -33.83 -10.44 12.57
CA VAL B 126 -32.48 -10.98 12.47
C VAL B 126 -31.85 -10.72 11.10
N GLU B 127 -30.53 -10.84 11.08
CA GLU B 127 -29.72 -10.74 9.88
C GLU B 127 -28.81 -11.95 9.81
N ARG B 128 -28.59 -12.45 8.61
CA ARG B 128 -27.78 -13.64 8.39
C ARG B 128 -26.59 -13.25 7.53
N PHE B 129 -25.39 -13.64 7.97
CA PHE B 129 -24.18 -13.45 7.19
C PHE B 129 -23.56 -14.78 6.90
N PRO B 130 -23.16 -15.02 5.65
CA PRO B 130 -22.63 -16.34 5.28
C PRO B 130 -21.35 -16.71 6.02
N ARG B 131 -21.21 -17.99 6.32
CA ARG B 131 -19.97 -18.53 6.81
C ARG B 131 -19.44 -19.51 5.79
N VAL B 132 -18.14 -19.75 5.84
CA VAL B 132 -17.50 -20.64 4.87
C VAL B 132 -16.97 -21.87 5.57
N SER B 133 -16.83 -22.96 4.80
CA SER B 133 -16.22 -24.19 5.28
C SER B 133 -14.93 -24.41 4.50
N CYS B 134 -14.04 -25.21 5.07
CA CYS B 134 -12.86 -25.66 4.35
C CYS B 134 -12.70 -27.16 4.49
N SER B 135 -12.18 -27.77 3.42
CA SER B 135 -12.12 -29.23 3.31
C SER B 135 -11.17 -29.89 4.30
N ALA B 136 -10.20 -29.14 4.80
CA ALA B 136 -9.25 -29.68 5.77
C ALA B 136 -9.85 -29.86 7.17
N MET B 137 -10.90 -29.11 7.46
CA MET B 137 -11.57 -29.14 8.74
C MET B 137 -13.07 -29.20 8.51
N PRO B 138 -13.58 -30.36 8.12
CA PRO B 138 -15.02 -30.48 7.94
C PRO B 138 -15.67 -30.22 9.29
N ASP B 139 -16.85 -29.65 9.29
CA ASP B 139 -17.58 -29.33 10.52
C ASP B 139 -17.11 -28.03 11.20
N VAL B 140 -16.09 -27.37 10.66
CA VAL B 140 -15.65 -26.08 11.19
C VAL B 140 -16.08 -24.99 10.23
N LEU B 141 -16.74 -23.97 10.75
CA LEU B 141 -17.21 -22.85 9.95
C LEU B 141 -16.50 -21.57 10.36
N ALA B 142 -16.38 -20.64 9.42
CA ALA B 142 -15.69 -19.37 9.67
C ALA B 142 -16.54 -18.22 9.16
N LEU B 143 -16.70 -17.18 9.97
CA LEU B 143 -17.40 -15.95 9.56
C LEU B 143 -16.46 -14.90 8.97
N ASN B 144 -15.25 -14.78 9.51
CA ASN B 144 -14.29 -13.77 9.01
C ASN B 144 -13.41 -14.31 7.87
N GLU B 145 -12.63 -15.33 8.15
CA GLU B 145 -11.71 -15.86 7.13
C GLU B 145 -11.20 -17.24 7.43
N ILE B 146 -10.75 -17.89 6.36
CA ILE B 146 -9.86 -19.03 6.44
C ILE B 146 -8.50 -18.51 6.00
N ALA B 147 -7.48 -18.69 6.85
CA ALA B 147 -6.12 -18.29 6.54
C ALA B 147 -5.23 -19.51 6.47
N VAL B 148 -4.38 -19.53 5.44
CA VAL B 148 -3.40 -20.58 5.24
C VAL B 148 -2.06 -19.94 5.52
N LEU B 149 -1.36 -20.47 6.52
CA LEU B 149 -0.13 -19.87 7.00
C LEU B 149 1.01 -20.88 7.01
N SER B 150 2.24 -20.37 6.95
CA SER B 150 3.42 -21.17 7.23
C SER B 150 3.35 -21.76 8.64
N ARG B 151 3.80 -23.00 8.79
CA ARG B 151 3.90 -23.65 10.11
C ARG B 151 4.98 -23.04 10.98
N LYS B 152 6.00 -22.48 10.34
CA LYS B 152 7.17 -21.92 11.01
C LYS B 152 7.16 -20.40 10.83
N PRO B 153 7.23 -19.62 11.92
CA PRO B 153 7.32 -18.16 11.80
C PRO B 153 8.56 -17.73 10.99
N ALA B 154 8.42 -16.65 10.21
CA ALA B 154 9.53 -16.10 9.42
C ALA B 154 9.95 -16.98 8.24
N LYS B 155 9.17 -18.01 7.95
CA LYS B 155 9.44 -18.88 6.80
C LYS B 155 8.26 -18.78 5.85
N MET B 156 8.55 -18.54 4.58
CA MET B 156 7.51 -18.39 3.57
C MET B 156 7.00 -19.74 3.11
N ILE B 157 5.76 -19.75 2.62
CA ILE B 157 5.22 -20.88 1.89
C ILE B 157 4.91 -20.46 0.46
N ASP B 158 4.91 -21.42 -0.46
CA ASP B 158 4.56 -21.16 -1.85
C ASP B 158 3.09 -21.56 -1.97
N VAL B 159 2.26 -20.64 -2.39
CA VAL B 159 0.82 -20.82 -2.37
C VAL B 159 0.30 -20.65 -3.79
N ALA B 160 -0.50 -21.62 -4.24
CA ALA B 160 -1.21 -21.48 -5.51
C ALA B 160 -2.69 -21.31 -5.19
N LEU B 161 -3.34 -20.45 -5.95
CA LEU B 161 -4.73 -20.12 -5.73
C LEU B 161 -5.50 -20.45 -7.00
N ARG B 162 -6.60 -21.17 -6.85
CA ARG B 162 -7.51 -21.50 -7.95
C ARG B 162 -8.90 -20.99 -7.59
N VAL B 163 -9.61 -20.43 -8.56
CA VAL B 163 -10.98 -19.99 -8.37
C VAL B 163 -11.79 -20.60 -9.50
N ASP B 164 -12.83 -21.35 -9.14
CA ASP B 164 -13.61 -22.14 -10.10
C ASP B 164 -12.75 -22.96 -11.08
N GLY B 165 -11.71 -23.59 -10.55
CA GLY B 165 -10.95 -24.60 -11.27
C GLY B 165 -9.74 -24.11 -12.05
N VAL B 166 -9.60 -22.79 -12.17
CA VAL B 166 -8.49 -22.20 -12.92
C VAL B 166 -7.45 -21.59 -11.98
N GLU B 167 -6.18 -21.92 -12.18
CA GLU B 167 -5.14 -21.31 -11.37
C GLU B 167 -4.98 -19.84 -11.76
N VAL B 168 -5.20 -18.96 -10.80
CA VAL B 168 -5.16 -17.52 -11.03
C VAL B 168 -3.96 -16.80 -10.41
N ASP B 169 -3.21 -17.48 -9.54
CA ASP B 169 -2.00 -16.91 -8.96
C ASP B 169 -1.13 -17.96 -8.30
N ARG B 170 0.18 -17.67 -8.25
CA ARG B 170 1.14 -18.44 -7.50
C ARG B 170 2.01 -17.39 -6.83
N ILE B 171 2.19 -17.50 -5.52
CA ILE B 171 2.92 -16.46 -4.78
C ILE B 171 3.63 -17.02 -3.54
N ARG B 172 4.86 -16.57 -3.28
CA ARG B 172 5.54 -16.90 -2.04
C ARG B 172 5.17 -15.82 -1.02
N CYS B 173 4.79 -16.24 0.17
CA CYS B 173 4.18 -15.35 1.15
C CYS B 173 4.25 -15.96 2.56
N ASP B 174 3.96 -15.18 3.58
CA ASP B 174 3.85 -15.73 4.93
C ASP B 174 2.59 -16.58 5.06
N GLY B 175 1.59 -16.23 4.28
CA GLY B 175 0.31 -16.90 4.27
C GLY B 175 -0.65 -16.23 3.31
N PHE B 176 -1.86 -16.76 3.26
CA PHE B 176 -2.85 -16.29 2.34
C PHE B 176 -4.23 -16.38 2.98
N ILE B 177 -5.01 -15.32 2.80
CA ILE B 177 -6.29 -15.14 3.45
C ILE B 177 -7.43 -15.23 2.43
N VAL B 178 -8.41 -16.04 2.77
CA VAL B 178 -9.69 -16.06 2.09
C VAL B 178 -10.76 -15.56 3.06
N ALA B 179 -11.16 -14.31 2.90
CA ALA B 179 -12.08 -13.65 3.82
C ALA B 179 -13.45 -13.45 3.19
N THR B 180 -14.48 -13.37 4.03
CA THR B 180 -15.77 -12.89 3.61
C THR B 180 -15.77 -11.37 3.75
N GLN B 181 -16.85 -10.74 3.28
CA GLN B 181 -16.96 -9.30 3.44
C GLN B 181 -16.95 -8.89 4.91
N ILE B 182 -17.50 -9.72 5.79
CA ILE B 182 -17.43 -9.45 7.23
C ILE B 182 -15.98 -9.50 7.73
N GLY B 183 -15.20 -10.41 7.17
CA GLY B 183 -13.77 -10.48 7.46
C GLY B 183 -12.93 -9.40 6.81
N SER B 184 -13.51 -8.53 5.99
CA SER B 184 -12.72 -7.50 5.32
C SER B 184 -12.11 -6.51 6.31
N THR B 185 -12.67 -6.42 7.52
CA THR B 185 -12.14 -5.55 8.56
C THR B 185 -11.28 -6.29 9.59
N GLY B 186 -10.91 -7.54 9.29
CA GLY B 186 -10.09 -8.34 10.17
C GLY B 186 -8.69 -8.60 9.62
N TYR B 187 -8.31 -9.86 9.55
CA TYR B 187 -6.99 -10.21 9.04
C TYR B 187 -6.75 -9.62 7.64
N ALA B 188 -7.73 -9.72 6.76
CA ALA B 188 -7.59 -9.15 5.41
C ALA B 188 -7.26 -7.66 5.45
N PHE B 189 -7.91 -6.91 6.35
CA PHE B 189 -7.63 -5.49 6.57
C PHE B 189 -6.14 -5.24 6.92
N SER B 190 -5.62 -6.01 7.87
CA SER B 190 -4.24 -5.92 8.30
C SER B 190 -3.26 -6.21 7.16
N ALA B 191 -3.65 -7.14 6.29
CA ALA B 191 -2.84 -7.54 5.13
C ALA B 191 -2.91 -6.52 3.98
N GLY B 192 -3.72 -5.49 4.13
CA GLY B 192 -3.84 -4.38 3.18
C GLY B 192 -5.05 -4.41 2.29
N GLY B 193 -6.07 -5.18 2.70
CA GLY B 193 -7.29 -5.36 1.92
C GLY B 193 -8.26 -4.19 2.02
N PRO B 194 -9.23 -4.15 1.12
CA PRO B 194 -10.23 -3.07 1.12
C PRO B 194 -11.28 -3.27 2.20
N VAL B 195 -11.92 -2.20 2.62
CA VAL B 195 -13.09 -2.34 3.50
C VAL B 195 -14.31 -2.54 2.61
N VAL B 196 -15.01 -3.64 2.83
CA VAL B 196 -16.20 -4.00 2.08
C VAL B 196 -17.38 -3.97 3.01
N GLU B 197 -18.46 -3.37 2.55
CA GLU B 197 -19.66 -3.23 3.37
C GLU B 197 -20.27 -4.61 3.69
N PRO B 198 -20.90 -4.75 4.84
CA PRO B 198 -21.37 -6.07 5.29
C PRO B 198 -22.45 -6.73 4.42
N TYR B 199 -23.13 -5.95 3.58
CA TYR B 199 -24.28 -6.44 2.81
C TYR B 199 -23.94 -6.72 1.35
N LEU B 200 -22.66 -6.62 1.00
CA LEU B 200 -22.17 -7.05 -0.31
C LEU B 200 -21.44 -8.37 -0.13
N GLU B 201 -22.07 -9.47 -0.50
CA GLU B 201 -21.47 -10.81 -0.35
C GLU B 201 -20.34 -11.00 -1.34
N CYS B 202 -19.16 -11.30 -0.82
CA CYS B 202 -18.00 -11.65 -1.65
C CYS B 202 -16.90 -12.27 -0.82
N PHE B 203 -15.93 -12.86 -1.52
CA PHE B 203 -14.64 -13.25 -0.99
C PHE B 203 -13.60 -12.14 -1.26
N ILE B 204 -12.71 -11.92 -0.30
CA ILE B 204 -11.50 -11.15 -0.48
C ILE B 204 -10.32 -12.11 -0.38
N LEU B 205 -9.54 -12.19 -1.44
CA LEU B 205 -8.39 -13.08 -1.56
C LEU B 205 -7.12 -12.24 -1.49
N ILE B 206 -6.31 -12.43 -0.46
CA ILE B 206 -5.18 -11.53 -0.23
C ILE B 206 -4.00 -12.24 0.44
N PRO B 207 -2.77 -12.01 -0.06
CA PRO B 207 -1.58 -12.54 0.60
C PRO B 207 -1.11 -11.73 1.81
N ILE B 208 -0.51 -12.43 2.76
CA ILE B 208 0.16 -11.82 3.88
C ILE B 208 1.65 -11.76 3.55
N ALA B 209 2.22 -10.56 3.53
CA ALA B 209 3.64 -10.34 3.24
C ALA B 209 4.13 -11.12 2.01
N PRO B 210 3.55 -10.81 0.86
CA PRO B 210 3.96 -11.48 -0.40
C PRO B 210 5.33 -11.02 -0.86
N PHE B 211 6.19 -11.96 -1.21
CA PHE B 211 7.50 -11.66 -1.75
C PHE B 211 7.37 -11.56 -3.26
N ARG B 212 6.84 -10.43 -3.70
CA ARG B 212 6.70 -10.15 -5.12
C ARG B 212 6.61 -8.65 -5.36
N PHE B 213 7.12 -8.20 -6.50
CA PHE B 213 7.14 -6.78 -6.83
C PHE B 213 5.71 -6.19 -6.96
N GLY B 214 4.84 -6.90 -7.64
CA GLY B 214 3.44 -6.51 -7.72
C GLY B 214 2.52 -7.54 -7.10
N TRP B 215 1.48 -7.07 -6.43
CA TRP B 215 0.37 -7.93 -6.01
C TRP B 215 -0.87 -7.08 -5.72
N LYS B 216 -2.04 -7.71 -5.79
CA LYS B 216 -3.30 -7.02 -5.50
C LYS B 216 -4.21 -7.96 -4.72
N PRO B 217 -5.04 -7.39 -3.84
CA PRO B 217 -6.19 -8.14 -3.34
C PRO B 217 -7.18 -8.40 -4.47
N TYR B 218 -7.85 -9.56 -4.45
CA TYR B 218 -8.88 -9.89 -5.44
C TYR B 218 -10.21 -10.03 -4.72
N VAL B 219 -11.24 -9.40 -5.25
CA VAL B 219 -12.57 -9.49 -4.69
C VAL B 219 -13.45 -10.24 -5.68
N VAL B 220 -13.95 -11.41 -5.26
CA VAL B 220 -14.75 -12.25 -6.14
C VAL B 220 -16.07 -12.68 -5.51
N SER B 221 -16.97 -13.17 -6.35
CA SER B 221 -18.28 -13.65 -5.93
C SER B 221 -18.12 -14.77 -4.94
N MET B 222 -18.95 -14.77 -3.91
CA MET B 222 -18.94 -15.85 -2.94
C MET B 222 -19.62 -17.11 -3.43
N GLU B 223 -20.13 -17.10 -4.67
CA GLU B 223 -20.67 -18.28 -5.31
C GLU B 223 -19.56 -19.16 -5.89
N ARG B 224 -18.34 -18.61 -5.99
CA ARG B 224 -17.22 -19.31 -6.60
C ARG B 224 -16.54 -20.23 -5.60
N LYS B 225 -15.91 -21.27 -6.10
CA LYS B 225 -15.18 -22.25 -5.30
C LYS B 225 -13.73 -21.81 -5.24
N ILE B 226 -13.16 -21.75 -4.04
CA ILE B 226 -11.78 -21.32 -3.87
C ILE B 226 -10.94 -22.53 -3.50
N GLU B 227 -9.77 -22.67 -4.13
CA GLU B 227 -8.84 -23.74 -3.78
C GLU B 227 -7.52 -23.07 -3.46
N VAL B 228 -6.92 -23.46 -2.34
CA VAL B 228 -5.60 -22.99 -1.98
C VAL B 228 -4.72 -24.23 -1.87
N ILE B 229 -3.54 -24.15 -2.46
CA ILE B 229 -2.62 -25.28 -2.51
C ILE B 229 -1.28 -24.86 -1.92
N ALA B 230 -0.83 -25.57 -0.90
CA ALA B 230 0.40 -25.23 -0.21
C ALA B 230 0.90 -26.41 0.59
N GLU B 231 2.23 -26.54 0.66
CA GLU B 231 2.86 -27.56 1.50
C GLU B 231 3.40 -26.91 2.78
N LYS B 232 3.52 -27.71 3.84
CA LYS B 232 4.10 -27.25 5.10
C LYS B 232 3.33 -26.07 5.68
N ALA B 233 2.01 -26.17 5.62
CA ALA B 233 1.15 -25.08 6.05
C ALA B 233 0.19 -25.52 7.14
N ILE B 234 -0.49 -24.52 7.69
CA ILE B 234 -1.59 -24.71 8.62
C ILE B 234 -2.76 -23.87 8.15
N VAL B 235 -3.98 -24.35 8.36
CA VAL B 235 -5.18 -23.62 8.01
C VAL B 235 -5.86 -23.25 9.32
N VAL B 236 -6.33 -22.01 9.40
CA VAL B 236 -6.91 -21.45 10.63
C VAL B 236 -8.26 -20.82 10.31
N ALA B 237 -9.29 -21.18 11.07
CA ALA B 237 -10.62 -20.58 10.88
C ALA B 237 -10.88 -19.53 11.95
N ASP B 238 -11.07 -18.29 11.52
CA ASP B 238 -11.38 -17.17 12.41
C ASP B 238 -10.40 -16.98 13.57
N GLY B 239 -9.15 -17.38 13.38
CA GLY B 239 -8.13 -17.23 14.41
C GLY B 239 -8.29 -18.18 15.56
N GLN B 240 -9.21 -19.14 15.43
CA GLN B 240 -9.47 -20.10 16.49
C GLN B 240 -8.96 -21.49 16.09
N LYS B 241 -9.78 -22.26 15.40
CA LYS B 241 -9.49 -23.67 15.16
C LYS B 241 -8.51 -23.81 14.01
N SER B 242 -7.55 -24.71 14.17
CA SER B 242 -6.50 -24.88 13.17
C SER B 242 -6.05 -26.32 13.01
N VAL B 243 -5.57 -26.64 11.81
CA VAL B 243 -5.02 -27.96 11.51
C VAL B 243 -3.90 -27.86 10.50
N ASP B 244 -2.87 -28.69 10.66
CA ASP B 244 -1.85 -28.87 9.64
C ASP B 244 -2.49 -29.49 8.41
N PHE B 245 -2.02 -29.09 7.24
CA PHE B 245 -2.38 -29.75 6.00
C PHE B 245 -1.25 -29.69 4.99
N ASP B 246 -1.32 -30.56 4.00
CA ASP B 246 -0.41 -30.55 2.88
C ASP B 246 -1.21 -30.83 1.62
N GLY B 247 -0.97 -30.04 0.58
CA GLY B 247 -1.65 -30.21 -0.69
C GLY B 247 -2.72 -29.16 -0.87
N GLU B 248 -3.94 -29.61 -1.14
CA GLU B 248 -5.02 -28.73 -1.58
C GLU B 248 -6.13 -28.66 -0.53
N ILE B 249 -6.68 -27.47 -0.35
CA ILE B 249 -7.93 -27.31 0.39
C ILE B 249 -8.91 -26.50 -0.43
N THR B 250 -10.19 -26.84 -0.29
CA THR B 250 -11.27 -26.13 -0.93
C THR B 250 -12.02 -25.31 0.11
N ILE B 251 -12.39 -24.09 -0.27
CA ILE B 251 -13.17 -23.20 0.59
C ILE B 251 -14.44 -22.78 -0.16
N GLU B 252 -15.58 -22.95 0.48
CA GLU B 252 -16.87 -22.59 -0.14
C GLU B 252 -17.86 -22.08 0.90
N LYS B 253 -18.82 -21.30 0.42
CA LYS B 253 -19.93 -20.82 1.23
C LYS B 253 -20.71 -22.02 1.77
N SER B 254 -21.03 -21.97 3.05
CA SER B 254 -21.79 -23.04 3.71
C SER B 254 -23.28 -22.68 3.77
N GLU B 255 -24.08 -23.63 4.22
CA GLU B 255 -25.53 -23.45 4.35
C GLU B 255 -25.95 -22.94 5.74
N PHE B 256 -24.97 -22.61 6.58
CA PHE B 256 -25.22 -22.29 7.98
C PHE B 256 -24.63 -20.92 8.34
N PRO B 257 -25.38 -19.86 8.09
CA PRO B 257 -24.88 -18.51 8.34
C PRO B 257 -24.80 -18.17 9.83
N ALA B 258 -24.02 -17.14 10.14
CA ALA B 258 -24.06 -16.49 11.45
C ALA B 258 -25.34 -15.68 11.50
N VAL B 259 -26.06 -15.77 12.60
CA VAL B 259 -27.32 -15.05 12.77
C VAL B 259 -27.19 -14.10 13.93
N PHE B 260 -27.50 -12.84 13.65
CA PHE B 260 -27.49 -11.75 14.62
C PHE B 260 -28.82 -11.04 14.64
N PHE B 261 -29.13 -10.39 15.75
CA PHE B 261 -30.25 -9.47 15.74
C PHE B 261 -29.89 -8.36 14.80
N LYS B 262 -30.90 -7.78 14.16
CA LYS B 262 -30.70 -6.73 13.20
C LYS B 262 -30.09 -5.52 13.87
N ASN B 263 -29.00 -5.04 13.28
CA ASN B 263 -28.36 -3.81 13.69
C ASN B 263 -28.61 -2.78 12.59
N GLU B 264 -29.58 -1.91 12.86
CA GLU B 264 -30.04 -0.88 11.93
C GLU B 264 -28.93 0.08 11.49
N LYS B 265 -27.91 0.24 12.34
CA LYS B 265 -26.83 1.20 12.09
C LYS B 265 -25.53 0.54 11.65
N ARG B 266 -25.59 -0.71 11.20
CA ARG B 266 -24.38 -1.46 10.87
C ARG B 266 -23.58 -0.80 9.76
N PHE B 267 -24.26 -0.38 8.69
CA PHE B 267 -23.56 0.27 7.58
C PHE B 267 -23.02 1.63 7.99
N ARG B 268 -23.83 2.39 8.72
CA ARG B 268 -23.46 3.72 9.15
C ARG B 268 -22.28 3.67 10.11
N ASN B 269 -22.28 2.70 11.02
CA ASN B 269 -21.26 2.57 12.05
C ASN B 269 -19.95 2.04 11.52
N LEU B 270 -19.98 1.37 10.37
CA LEU B 270 -18.81 0.71 9.80
C LEU B 270 -17.64 1.67 9.66
N PHE B 271 -17.91 2.86 9.12
CA PHE B 271 -16.87 3.77 8.71
C PHE B 271 -16.13 4.37 9.91
N GLY B 272 -16.87 4.69 10.97
CA GLY B 272 -16.26 5.21 12.19
C GLY B 272 -15.49 4.14 12.95
N LYS B 273 -16.03 2.92 13.00
CA LYS B 273 -15.39 1.81 13.70
C LYS B 273 -14.06 1.44 13.05
N VAL B 274 -14.04 1.42 11.73
CA VAL B 274 -12.84 1.12 10.97
C VAL B 274 -11.73 2.11 11.27
N ARG B 275 -12.08 3.40 11.34
CA ARG B 275 -11.09 4.45 11.57
C ARG B 275 -10.48 4.35 12.96
N SER B 276 -11.20 3.72 13.89
CA SER B 276 -10.74 3.51 15.27
C SER B 276 -9.96 2.19 15.47
N ILE B 277 -9.81 1.38 14.42
CA ILE B 277 -9.09 0.10 14.53
C ILE B 277 -7.64 0.36 14.89
N GLY B 278 -7.19 -0.35 15.92
CA GLY B 278 -5.84 -0.24 16.43
C GLY B 278 -5.60 -1.28 17.52
N MET C 30 47.16 -17.96 -2.41
CA MET C 30 45.90 -17.75 -1.63
C MET C 30 45.12 -19.05 -1.51
N ARG C 31 44.25 -19.14 -0.51
CA ARG C 31 43.32 -20.26 -0.38
C ARG C 31 41.90 -19.75 -0.29
N ALA C 32 41.02 -20.43 -1.03
CA ALA C 32 39.61 -20.08 -1.09
C ALA C 32 38.77 -21.26 -0.66
N ALA C 33 37.60 -20.95 -0.12
CA ALA C 33 36.62 -21.96 0.24
C ALA C 33 35.48 -21.83 -0.74
N VAL C 34 34.98 -22.96 -1.22
CA VAL C 34 33.83 -22.99 -2.12
C VAL C 34 32.71 -23.68 -1.37
N VAL C 35 31.64 -22.93 -1.11
CA VAL C 35 30.48 -23.42 -0.37
C VAL C 35 29.34 -23.58 -1.34
N TYR C 36 28.76 -24.78 -1.40
CA TYR C 36 27.73 -25.10 -2.37
C TYR C 36 26.55 -25.81 -1.69
N LYS C 37 25.33 -25.35 -1.97
CA LYS C 37 24.11 -26.02 -1.50
C LYS C 37 23.82 -27.25 -2.36
N THR C 38 23.98 -27.09 -3.68
CA THR C 38 23.81 -28.17 -4.65
C THR C 38 25.14 -28.41 -5.37
N ASP C 39 25.35 -29.66 -5.77
CA ASP C 39 26.64 -30.11 -6.34
C ASP C 39 26.97 -29.57 -7.73
N GLY C 40 26.04 -28.84 -8.34
CA GLY C 40 26.21 -28.35 -9.70
C GLY C 40 27.18 -27.18 -9.83
N HIS C 41 28.02 -27.26 -10.87
CA HIS C 41 29.00 -26.23 -11.23
C HIS C 41 30.25 -26.16 -10.35
N VAL C 42 30.40 -27.09 -9.42
CA VAL C 42 31.46 -26.98 -8.40
C VAL C 42 32.82 -27.38 -8.95
N LYS C 43 32.89 -28.46 -9.72
CA LYS C 43 34.15 -28.87 -10.36
C LYS C 43 34.68 -27.77 -11.28
N ARG C 44 33.77 -27.08 -11.96
CA ARG C 44 34.12 -25.99 -12.87
C ARG C 44 34.75 -24.82 -12.12
N ILE C 45 34.15 -24.45 -10.99
CA ILE C 45 34.63 -23.33 -10.19
C ILE C 45 36.00 -23.67 -9.59
N GLU C 46 36.15 -24.89 -9.10
CA GLU C 46 37.42 -25.36 -8.54
C GLU C 46 38.55 -25.31 -9.57
N GLU C 47 38.21 -25.60 -10.82
CA GLU C 47 39.17 -25.57 -11.91
C GLU C 47 39.62 -24.16 -12.24
N ALA C 48 38.67 -23.23 -12.29
CA ALA C 48 38.95 -21.82 -12.59
C ALA C 48 39.84 -21.20 -11.51
N LEU C 49 39.60 -21.56 -10.26
CA LEU C 49 40.41 -21.07 -9.15
C LEU C 49 41.83 -21.60 -9.25
N LYS C 50 41.98 -22.85 -9.68
CA LYS C 50 43.29 -23.47 -9.87
C LYS C 50 44.12 -22.75 -10.94
N ARG C 51 43.45 -22.22 -11.97
CA ARG C 51 44.12 -21.41 -13.01
C ARG C 51 44.63 -20.08 -12.45
N LEU C 52 43.97 -19.58 -11.42
CA LEU C 52 44.37 -18.34 -10.73
C LEU C 52 45.38 -18.62 -9.61
N GLU C 53 45.88 -19.85 -9.54
CA GLU C 53 46.84 -20.29 -8.53
C GLU C 53 46.32 -20.19 -7.09
N VAL C 54 45.04 -20.50 -6.93
CA VAL C 54 44.37 -20.48 -5.63
C VAL C 54 44.09 -21.92 -5.19
N GLU C 55 44.47 -22.25 -3.95
CA GLU C 55 44.18 -23.53 -3.36
C GLU C 55 42.70 -23.56 -2.98
N VAL C 56 42.04 -24.68 -3.22
CA VAL C 56 40.59 -24.78 -3.00
C VAL C 56 40.24 -25.83 -1.95
N GLU C 57 39.31 -25.48 -1.06
CA GLU C 57 38.66 -26.43 -0.17
C GLU C 57 37.15 -26.34 -0.34
N LEU C 58 36.50 -27.49 -0.39
CA LEU C 58 35.07 -27.58 -0.68
C LEU C 58 34.23 -27.79 0.58
N PHE C 59 33.08 -27.14 0.62
CA PHE C 59 32.17 -27.15 1.76
C PHE C 59 30.74 -27.36 1.27
N ASN C 60 30.10 -28.45 1.66
CA ASN C 60 28.69 -28.66 1.33
C ASN C 60 27.74 -28.02 2.33
N GLN C 61 28.29 -27.58 3.46
CA GLN C 61 27.57 -26.77 4.44
C GLN C 61 28.47 -25.63 4.93
N PRO C 62 27.89 -24.47 5.25
CA PRO C 62 28.65 -23.39 5.88
C PRO C 62 29.32 -23.84 7.17
N SER C 63 30.45 -23.23 7.48
CA SER C 63 31.21 -23.59 8.68
C SER C 63 32.00 -22.39 9.18
N GLU C 64 32.21 -22.32 10.49
CA GLU C 64 33.03 -21.27 11.11
C GLU C 64 34.52 -21.35 10.67
N GLU C 65 34.93 -22.49 10.14
CA GLU C 65 36.27 -22.65 9.56
C GLU C 65 36.51 -21.79 8.33
N LEU C 66 35.44 -21.25 7.76
CA LEU C 66 35.53 -20.37 6.59
C LEU C 66 36.28 -19.07 6.90
N GLU C 67 36.32 -18.69 8.17
CA GLU C 67 37.14 -17.57 8.65
C GLU C 67 38.63 -17.71 8.33
N ASN C 68 39.12 -18.95 8.18
CA ASN C 68 40.53 -19.22 7.91
C ASN C 68 40.95 -19.13 6.44
N PHE C 69 40.11 -18.56 5.59
CA PHE C 69 40.38 -18.50 4.16
C PHE C 69 40.54 -17.05 3.71
N ASP C 70 41.23 -16.86 2.59
CA ASP C 70 41.47 -15.54 2.02
C ASP C 70 40.23 -14.96 1.35
N PHE C 71 39.44 -15.82 0.73
CA PHE C 71 38.12 -15.46 0.25
C PHE C 71 37.23 -16.69 0.13
N ILE C 72 35.93 -16.43 -0.04
CA ILE C 72 34.90 -17.46 -0.10
C ILE C 72 34.13 -17.29 -1.41
N VAL C 73 33.92 -18.38 -2.15
CA VAL C 73 33.01 -18.41 -3.28
C VAL C 73 31.76 -19.17 -2.86
N SER C 74 30.62 -18.50 -2.89
CA SER C 74 29.33 -19.09 -2.55
C SER C 74 28.61 -19.47 -3.84
N VAL C 75 28.20 -20.73 -3.96
CA VAL C 75 27.40 -21.21 -5.09
C VAL C 75 25.96 -21.51 -4.62
N GLY C 76 25.04 -20.67 -5.05
CA GLY C 76 23.66 -20.71 -4.60
C GLY C 76 23.00 -19.35 -4.81
N GLY C 77 21.90 -19.10 -4.09
CA GLY C 77 21.26 -17.81 -4.09
C GLY C 77 21.68 -16.95 -2.92
N ASP C 78 20.83 -16.01 -2.53
CA ASP C 78 21.12 -15.11 -1.42
C ASP C 78 21.11 -15.83 -0.07
N GLY C 79 20.21 -16.80 0.10
CA GLY C 79 20.16 -17.55 1.35
C GLY C 79 21.43 -18.30 1.70
N THR C 80 22.12 -18.80 0.68
CA THR C 80 23.40 -19.46 0.88
C THR C 80 24.37 -18.46 1.47
N ILE C 81 24.35 -17.25 0.93
CA ILE C 81 25.19 -16.20 1.44
C ILE C 81 24.82 -15.85 2.90
N LEU C 82 23.53 -15.80 3.22
CA LEU C 82 23.11 -15.44 4.58
C LEU C 82 23.56 -16.50 5.57
N ARG C 83 23.52 -17.77 5.14
CA ARG C 83 23.92 -18.88 5.99
C ARG C 83 25.43 -18.93 6.18
N ILE C 84 26.18 -18.52 5.16
CA ILE C 84 27.62 -18.36 5.30
C ILE C 84 27.93 -17.28 6.34
N LEU C 85 27.25 -16.15 6.21
CA LEU C 85 27.51 -15.00 7.07
C LEU C 85 27.24 -15.31 8.54
N GLN C 86 26.26 -16.17 8.80
CA GLN C 86 25.93 -16.58 10.16
C GLN C 86 27.05 -17.33 10.88
N LYS C 87 28.05 -17.80 10.13
CA LYS C 87 29.24 -18.46 10.67
C LYS C 87 30.44 -17.55 10.83
N LEU C 88 30.35 -16.30 10.36
CA LEU C 88 31.52 -15.44 10.28
C LEU C 88 31.37 -14.22 11.18
N LYS C 89 32.39 -13.95 11.99
CA LYS C 89 32.50 -12.65 12.67
C LYS C 89 33.37 -11.78 11.77
N ARG C 90 34.68 -12.02 11.78
CA ARG C 90 35.53 -11.46 10.75
C ARG C 90 35.16 -12.17 9.46
N CYS C 91 34.99 -11.41 8.39
CA CYS C 91 34.43 -11.95 7.17
C CYS C 91 35.42 -11.83 6.01
N PRO C 92 35.96 -12.96 5.53
CA PRO C 92 36.71 -12.92 4.29
C PRO C 92 35.77 -12.50 3.17
N PRO C 93 36.28 -11.81 2.15
CA PRO C 93 35.41 -11.34 1.08
C PRO C 93 34.70 -12.50 0.40
N ILE C 94 33.41 -12.31 0.13
CA ILE C 94 32.57 -13.32 -0.50
C ILE C 94 32.34 -12.95 -1.96
N PHE C 95 32.49 -13.94 -2.83
CA PHE C 95 32.10 -13.88 -4.23
C PHE C 95 30.94 -14.85 -4.45
N GLY C 96 29.80 -14.33 -4.92
CA GLY C 96 28.60 -15.13 -5.09
C GLY C 96 28.36 -15.52 -6.55
N ILE C 97 28.17 -16.80 -6.79
CA ILE C 97 27.74 -17.29 -8.10
C ILE C 97 26.29 -17.73 -7.94
N ASN C 98 25.39 -17.03 -8.63
CA ASN C 98 23.96 -17.18 -8.43
C ASN C 98 23.36 -18.34 -9.21
N THR C 99 22.93 -19.37 -8.48
CA THR C 99 22.08 -20.43 -9.02
C THR C 99 20.66 -20.36 -8.44
N GLY C 100 20.43 -19.46 -7.50
CA GLY C 100 19.12 -19.29 -6.89
C GLY C 100 18.18 -18.43 -7.72
N ARG C 101 17.25 -17.78 -7.03
CA ARG C 101 16.31 -16.86 -7.64
C ARG C 101 16.62 -15.52 -8.27
N VAL C 102 16.92 -14.54 -7.43
CA VAL C 102 17.19 -13.16 -7.85
C VAL C 102 18.65 -12.66 -7.76
N GLY C 103 19.32 -12.98 -6.66
CA GLY C 103 20.76 -12.81 -6.55
C GLY C 103 21.23 -11.39 -6.34
N LEU C 104 20.60 -10.68 -5.41
CA LEU C 104 21.02 -9.32 -5.06
C LEU C 104 22.40 -9.27 -4.40
N LEU C 105 22.81 -10.36 -3.76
CA LEU C 105 24.10 -10.42 -3.08
C LEU C 105 25.20 -11.10 -3.91
N THR C 106 24.85 -11.57 -5.10
CA THR C 106 25.79 -12.31 -5.95
C THR C 106 26.49 -11.43 -6.97
N HIS C 107 27.53 -11.98 -7.58
CA HIS C 107 28.38 -11.25 -8.52
C HIS C 107 28.31 -11.72 -9.95
N ALA C 108 27.90 -12.97 -10.16
CA ALA C 108 27.96 -13.56 -11.49
C ALA C 108 27.04 -14.77 -11.59
N SER C 109 26.79 -15.19 -12.83
CA SER C 109 26.01 -16.39 -13.10
C SER C 109 26.98 -17.53 -13.45
N PRO C 110 26.52 -18.78 -13.36
CA PRO C 110 27.34 -19.93 -13.73
C PRO C 110 27.80 -19.88 -15.19
N GLU C 111 27.03 -19.19 -16.03
CA GLU C 111 27.29 -19.13 -17.46
C GLU C 111 28.47 -18.22 -17.82
N ASN C 112 28.72 -17.21 -16.99
CA ASN C 112 29.89 -16.35 -17.14
C ASN C 112 30.37 -15.77 -15.81
N PHE C 113 31.14 -16.57 -15.07
CA PHE C 113 31.69 -16.13 -13.77
C PHE C 113 33.20 -15.99 -13.81
N GLU C 114 33.86 -16.63 -14.79
CA GLU C 114 35.30 -16.75 -14.76
C GLU C 114 36.01 -15.41 -14.89
N VAL C 115 35.50 -14.54 -15.76
CA VAL C 115 36.10 -13.21 -15.94
C VAL C 115 35.91 -12.35 -14.70
N GLU C 116 34.70 -12.34 -14.17
CA GLU C 116 34.40 -11.53 -12.98
C GLU C 116 35.16 -12.03 -11.76
N LEU C 117 35.35 -13.34 -11.66
CA LEU C 117 36.15 -13.94 -10.60
C LEU C 117 37.62 -13.54 -10.74
N LYS C 118 38.13 -13.55 -11.97
CA LYS C 118 39.51 -13.13 -12.21
C LYS C 118 39.72 -11.69 -11.78
N LYS C 119 38.80 -10.81 -12.18
CA LYS C 119 38.82 -9.41 -11.77
C LYS C 119 38.87 -9.27 -10.25
N ALA C 120 38.03 -10.06 -9.57
CA ALA C 120 37.87 -9.95 -8.14
C ALA C 120 39.12 -10.37 -7.39
N VAL C 121 39.70 -11.49 -7.76
CA VAL C 121 40.90 -12.00 -7.10
C VAL C 121 42.12 -11.12 -7.39
N GLU C 122 42.24 -10.62 -8.61
CA GLU C 122 43.43 -9.85 -9.02
C GLU C 122 43.42 -8.41 -8.49
N LYS C 123 42.26 -7.75 -8.50
CA LYS C 123 42.14 -6.40 -7.94
C LYS C 123 41.94 -6.45 -6.43
N PHE C 124 41.26 -7.49 -5.96
CA PHE C 124 40.92 -7.64 -4.54
C PHE C 124 40.33 -6.39 -3.89
N GLU C 125 39.41 -5.73 -4.61
CA GLU C 125 38.67 -4.59 -4.08
C GLU C 125 37.43 -5.12 -3.41
N VAL C 126 37.13 -4.62 -2.22
CA VAL C 126 35.99 -5.10 -1.44
C VAL C 126 35.08 -3.96 -0.99
N GLU C 127 33.85 -4.34 -0.68
CA GLU C 127 32.86 -3.47 -0.05
C GLU C 127 32.35 -4.11 1.21
N ARG C 128 32.03 -3.27 2.18
CA ARG C 128 31.56 -3.70 3.49
C ARG C 128 30.15 -3.15 3.71
N PHE C 129 29.25 -4.00 4.16
CA PHE C 129 27.91 -3.59 4.54
C PHE C 129 27.66 -3.96 5.99
N PRO C 130 27.06 -3.04 6.72
CA PRO C 130 26.92 -3.23 8.16
C PRO C 130 25.98 -4.39 8.51
N ARG C 131 26.31 -5.09 9.59
CA ARG C 131 25.41 -6.09 10.14
C ARG C 131 24.97 -5.63 11.51
N VAL C 132 23.81 -6.10 11.96
CA VAL C 132 23.27 -5.73 13.26
C VAL C 132 23.23 -6.91 14.20
N SER C 133 23.27 -6.58 15.49
CA SER C 133 23.22 -7.54 16.57
C SER C 133 21.95 -7.28 17.37
N CYS C 134 21.54 -8.29 18.12
CA CYS C 134 20.33 -8.25 18.86
C CYS C 134 20.59 -8.82 20.24
N SER C 135 20.07 -8.17 21.28
CA SER C 135 20.44 -8.52 22.65
C SER C 135 19.96 -9.91 23.08
N ALA C 136 18.90 -10.39 22.45
CA ALA C 136 18.34 -11.71 22.74
C ALA C 136 19.23 -12.86 22.24
N MET C 137 19.96 -12.60 21.15
CA MET C 137 20.90 -13.56 20.59
C MET C 137 22.29 -12.91 20.48
N PRO C 138 23.02 -12.88 21.59
CA PRO C 138 24.30 -12.14 21.69
C PRO C 138 25.33 -12.43 20.58
N ASP C 139 25.50 -13.70 20.25
CA ASP C 139 26.53 -14.09 19.28
C ASP C 139 26.06 -14.15 17.81
N VAL C 140 24.86 -13.63 17.53
CA VAL C 140 24.28 -13.73 16.18
C VAL C 140 24.28 -12.37 15.50
N LEU C 141 24.71 -12.36 14.24
CA LEU C 141 24.68 -11.13 13.42
C LEU C 141 23.72 -11.27 12.23
N ALA C 142 23.13 -10.15 11.80
CA ALA C 142 22.18 -10.16 10.70
C ALA C 142 22.52 -9.09 9.67
N LEU C 143 22.53 -9.47 8.39
CA LEU C 143 22.73 -8.53 7.28
C LEU C 143 21.43 -7.90 6.80
N ASN C 144 20.37 -8.70 6.73
CA ASN C 144 19.09 -8.24 6.19
C ASN C 144 18.20 -7.63 7.25
N GLU C 145 17.81 -8.43 8.24
CA GLU C 145 16.91 -7.96 9.30
C GLU C 145 16.88 -8.80 10.55
N ILE C 146 16.42 -8.16 11.62
CA ILE C 146 15.93 -8.80 12.82
C ILE C 146 14.42 -8.66 12.80
N ALA C 147 13.70 -9.78 12.87
CA ALA C 147 12.24 -9.76 12.91
C ALA C 147 11.73 -10.28 14.24
N VAL C 148 10.73 -9.60 14.79
CA VAL C 148 10.06 -10.01 16.02
C VAL C 148 8.67 -10.47 15.60
N LEU C 149 8.36 -11.74 15.88
CA LEU C 149 7.13 -12.37 15.41
C LEU C 149 6.38 -13.07 16.55
N SER C 150 5.08 -13.27 16.34
CA SER C 150 4.26 -14.03 17.23
C SER C 150 4.76 -15.47 17.22
N ARG C 151 4.76 -16.10 18.38
CA ARG C 151 5.11 -17.51 18.48
C ARG C 151 4.07 -18.41 17.82
N LYS C 152 2.86 -17.88 17.68
CA LYS C 152 1.72 -18.66 17.18
C LYS C 152 1.25 -18.01 15.89
N PRO C 153 1.25 -18.73 14.78
CA PRO C 153 0.74 -18.13 13.53
C PRO C 153 -0.75 -17.81 13.67
N ALA C 154 -1.18 -16.77 12.97
CA ALA C 154 -2.58 -16.29 13.01
C ALA C 154 -2.97 -15.62 14.33
N LYS C 155 -2.01 -15.43 15.22
CA LYS C 155 -2.23 -14.63 16.43
C LYS C 155 -1.28 -13.46 16.41
N MET C 156 -1.78 -12.32 16.88
CA MET C 156 -1.01 -11.10 16.90
C MET C 156 -0.25 -10.97 18.20
N ILE C 157 0.80 -10.15 18.15
CA ILE C 157 1.50 -9.65 19.33
C ILE C 157 1.37 -8.14 19.39
N ASP C 158 1.48 -7.59 20.60
CA ASP C 158 1.47 -6.15 20.78
C ASP C 158 2.93 -5.75 20.89
N VAL C 159 3.38 -4.91 19.96
CA VAL C 159 4.78 -4.53 19.87
C VAL C 159 4.92 -3.05 20.16
N ALA C 160 5.88 -2.69 21.00
CA ALA C 160 6.24 -1.30 21.20
C ALA C 160 7.64 -1.08 20.63
N LEU C 161 7.83 0.06 19.99
CA LEU C 161 9.09 0.39 19.32
C LEU C 161 9.68 1.64 19.97
N ARG C 162 10.96 1.58 20.31
CA ARG C 162 11.68 2.71 20.88
C ARG C 162 12.91 2.97 20.02
N VAL C 163 13.19 4.24 19.75
CA VAL C 163 14.39 4.62 19.01
C VAL C 163 15.09 5.71 19.80
N ASP C 164 16.35 5.47 20.15
CA ASP C 164 17.13 6.34 21.01
C ASP C 164 16.37 6.71 22.30
N GLY C 165 15.71 5.71 22.87
CA GLY C 165 15.11 5.82 24.19
C GLY C 165 13.70 6.38 24.25
N VAL C 166 13.16 6.82 23.12
CA VAL C 166 11.82 7.38 23.08
C VAL C 166 10.87 6.41 22.35
N GLU C 167 9.74 6.11 22.98
CA GLU C 167 8.71 5.31 22.34
C GLU C 167 8.11 6.05 21.17
N VAL C 168 8.26 5.47 19.98
CA VAL C 168 7.80 6.07 18.73
C VAL C 168 6.55 5.42 18.16
N ASP C 169 6.23 4.21 18.62
CA ASP C 169 5.01 3.56 18.17
C ASP C 169 4.64 2.39 19.07
N ARG C 170 3.36 2.04 19.04
CA ARG C 170 2.86 0.83 19.62
C ARG C 170 1.78 0.28 18.71
N ILE C 171 1.88 -1.00 18.35
CA ILE C 171 1.02 -1.54 17.31
C ILE C 171 0.79 -3.05 17.47
N ARG C 172 -0.43 -3.48 17.20
CA ARG C 172 -0.79 -4.89 17.20
C ARG C 172 -0.55 -5.39 15.77
N CYS C 173 0.15 -6.50 15.63
CA CYS C 173 0.66 -6.93 14.32
C CYS C 173 1.06 -8.41 14.38
N ASP C 174 1.33 -9.02 13.22
CA ASP C 174 1.85 -10.39 13.19
C ASP C 174 3.30 -10.41 13.63
N GLY C 175 3.96 -9.31 13.37
CA GLY C 175 5.33 -9.11 13.74
C GLY C 175 5.84 -7.76 13.32
N PHE C 176 7.12 -7.55 13.53
CA PHE C 176 7.76 -6.29 13.30
C PHE C 176 9.19 -6.50 12.83
N ILE C 177 9.55 -5.80 11.77
CA ILE C 177 10.87 -5.93 11.15
C ILE C 177 11.75 -4.71 11.39
N VAL C 178 13.00 -4.98 11.78
CA VAL C 178 14.07 -3.99 11.82
C VAL C 178 15.13 -4.43 10.78
N ALA C 179 15.13 -3.78 9.62
CA ALA C 179 15.97 -4.18 8.49
C ALA C 179 17.06 -3.17 8.24
N THR C 180 18.17 -3.60 7.66
CA THR C 180 19.15 -2.66 7.13
C THR C 180 18.73 -2.30 5.73
N GLN C 181 19.47 -1.39 5.10
CA GLN C 181 19.19 -1.06 3.71
C GLN C 181 19.34 -2.28 2.77
N ILE C 182 20.25 -3.19 3.09
CA ILE C 182 20.39 -4.42 2.31
C ILE C 182 19.16 -5.31 2.45
N GLY C 183 18.56 -5.28 3.64
CA GLY C 183 17.33 -6.01 3.91
C GLY C 183 16.10 -5.34 3.35
N SER C 184 16.23 -4.16 2.75
CA SER C 184 15.05 -3.47 2.25
C SER C 184 14.39 -4.23 1.11
N THR C 185 15.12 -5.13 0.46
CA THR C 185 14.59 -5.95 -0.61
C THR C 185 14.21 -7.36 -0.17
N GLY C 186 14.16 -7.60 1.14
CA GLY C 186 13.78 -8.90 1.67
C GLY C 186 12.44 -8.85 2.39
N TYR C 187 12.43 -9.27 3.65
CA TYR C 187 11.19 -9.34 4.42
C TYR C 187 10.50 -7.99 4.48
N ALA C 188 11.27 -6.93 4.71
CA ALA C 188 10.73 -5.57 4.73
C ALA C 188 10.01 -5.20 3.42
N PHE C 189 10.57 -5.59 2.27
CA PHE C 189 9.94 -5.39 0.96
C PHE C 189 8.56 -6.08 0.92
N SER C 190 8.50 -7.32 1.36
CA SER C 190 7.25 -8.08 1.35
C SER C 190 6.19 -7.45 2.26
N ALA C 191 6.64 -6.83 3.36
CA ALA C 191 5.76 -6.15 4.31
C ALA C 191 5.31 -4.77 3.79
N GLY C 192 5.82 -4.33 2.65
CA GLY C 192 5.42 -3.07 2.05
C GLY C 192 6.42 -1.94 2.13
N GLY C 193 7.68 -2.26 2.42
CA GLY C 193 8.71 -1.25 2.62
C GLY C 193 9.29 -0.69 1.33
N PRO C 194 10.01 0.43 1.43
CA PRO C 194 10.65 1.05 0.27
C PRO C 194 11.92 0.33 -0.13
N VAL C 195 12.29 0.44 -1.40
CA VAL C 195 13.59 -0.05 -1.82
C VAL C 195 14.62 1.04 -1.55
N VAL C 196 15.65 0.72 -0.78
CA VAL C 196 16.68 1.65 -0.42
C VAL C 196 17.97 1.18 -1.05
N GLU C 197 18.72 2.11 -1.60
CA GLU C 197 19.97 1.75 -2.29
C GLU C 197 20.97 1.19 -1.27
N PRO C 198 21.83 0.27 -1.71
CA PRO C 198 22.73 -0.41 -0.77
C PRO C 198 23.77 0.49 -0.13
N TYR C 199 24.04 1.67 -0.66
CA TYR C 199 25.10 2.54 -0.12
C TYR C 199 24.58 3.62 0.82
N LEU C 200 23.29 3.58 1.12
CA LEU C 200 22.67 4.50 2.06
C LEU C 200 22.39 3.74 3.35
N GLU C 201 23.22 3.99 4.35
CA GLU C 201 23.11 3.26 5.60
C GLU C 201 21.92 3.73 6.41
N CYS C 202 21.03 2.80 6.73
CA CYS C 202 19.84 3.10 7.54
C CYS C 202 19.14 1.84 8.03
N PHE C 203 18.22 2.02 8.98
CA PHE C 203 17.27 1.00 9.39
C PHE C 203 15.92 1.30 8.74
N ILE C 204 15.22 0.26 8.33
CA ILE C 204 13.82 0.34 7.94
C ILE C 204 13.01 -0.38 9.02
N LEU C 205 12.05 0.34 9.61
CA LEU C 205 11.24 -0.19 10.70
C LEU C 205 9.83 -0.34 10.19
N ILE C 206 9.34 -1.57 10.14
CA ILE C 206 8.06 -1.86 9.47
C ILE C 206 7.31 -3.05 10.08
N PRO C 207 6.01 -2.89 10.32
CA PRO C 207 5.18 -3.98 10.81
C PRO C 207 4.73 -4.94 9.72
N ILE C 208 4.53 -6.18 10.10
CA ILE C 208 3.95 -7.22 9.27
C ILE C 208 2.48 -7.36 9.69
N ALA C 209 1.59 -7.18 8.72
CA ALA C 209 0.13 -7.25 8.96
C ALA C 209 -0.33 -6.50 10.21
N PRO C 210 -0.10 -5.19 10.22
CA PRO C 210 -0.54 -4.33 11.33
C PRO C 210 -2.06 -4.19 11.36
N PHE C 211 -2.63 -4.41 12.53
CA PHE C 211 -4.07 -4.23 12.73
C PHE C 211 -4.27 -2.80 13.22
N ARG C 212 -4.22 -1.88 12.28
CA ARG C 212 -4.44 -0.46 12.56
C ARG C 212 -4.83 0.27 11.27
N PHE C 213 -5.70 1.27 11.40
CA PHE C 213 -6.13 2.04 10.23
C PHE C 213 -4.95 2.69 9.45
N GLY C 214 -4.06 3.36 10.14
CA GLY C 214 -2.89 3.96 9.51
C GLY C 214 -1.62 3.36 10.04
N TRP C 215 -0.63 3.21 9.16
CA TRP C 215 0.74 2.85 9.56
C TRP C 215 1.67 3.28 8.42
N LYS C 216 2.95 3.48 8.75
CA LYS C 216 3.98 3.80 7.77
C LYS C 216 5.27 3.08 8.14
N PRO C 217 6.06 2.68 7.14
CA PRO C 217 7.45 2.31 7.39
C PRO C 217 8.20 3.57 7.85
N TYR C 218 9.14 3.40 8.76
CA TYR C 218 10.01 4.47 9.21
C TYR C 218 11.44 4.14 8.81
N VAL C 219 12.14 5.13 8.27
CA VAL C 219 13.54 4.95 7.88
C VAL C 219 14.39 5.89 8.74
N VAL C 220 15.28 5.29 9.55
CA VAL C 220 16.08 6.06 10.49
C VAL C 220 17.57 5.75 10.34
N SER C 221 18.40 6.63 10.85
CA SER C 221 19.85 6.46 10.87
C SER C 221 20.23 5.17 11.58
N MET C 222 21.19 4.45 11.02
CA MET C 222 21.67 3.22 11.62
C MET C 222 22.57 3.45 12.82
N GLU C 223 22.85 4.72 13.14
CA GLU C 223 23.61 5.05 14.34
C GLU C 223 22.72 5.04 15.57
N ARG C 224 21.40 4.97 15.39
CA ARG C 224 20.45 5.01 16.50
C ARG C 224 20.23 3.60 17.08
N LYS C 225 19.86 3.56 18.36
CA LYS C 225 19.58 2.31 19.08
C LYS C 225 18.10 2.00 18.95
N ILE C 226 17.77 0.78 18.53
CA ILE C 226 16.38 0.35 18.36
C ILE C 226 16.02 -0.59 19.49
N GLU C 227 14.87 -0.39 20.12
CA GLU C 227 14.37 -1.34 21.10
C GLU C 227 12.99 -1.80 20.66
N VAL C 228 12.77 -3.10 20.72
CA VAL C 228 11.47 -3.68 20.41
C VAL C 228 11.02 -4.41 21.67
N ILE C 229 9.79 -4.16 22.06
CA ILE C 229 9.26 -4.66 23.31
C ILE C 229 7.99 -5.44 22.98
N ALA C 230 7.97 -6.71 23.35
CA ALA C 230 6.83 -7.56 23.09
C ALA C 230 6.83 -8.75 24.03
N GLU C 231 5.65 -9.27 24.31
CA GLU C 231 5.50 -10.52 25.05
C GLU C 231 5.13 -11.62 24.06
N LYS C 232 5.47 -12.86 24.41
CA LYS C 232 5.03 -14.04 23.66
C LYS C 232 5.54 -14.01 22.23
N ALA C 233 6.79 -13.60 22.07
CA ALA C 233 7.34 -13.43 20.74
C ALA C 233 8.57 -14.30 20.52
N ILE C 234 8.98 -14.34 19.25
CA ILE C 234 10.20 -14.96 18.82
C ILE C 234 10.97 -13.92 18.03
N VAL C 235 12.29 -13.95 18.13
CA VAL C 235 13.14 -13.08 17.33
C VAL C 235 13.90 -13.94 16.33
N VAL C 236 13.95 -13.49 15.09
CA VAL C 236 14.58 -14.22 13.98
C VAL C 236 15.57 -13.32 13.26
N ALA C 237 16.80 -13.81 13.07
CA ALA C 237 17.83 -13.09 12.35
C ALA C 237 18.04 -13.69 10.96
N ASP C 238 17.79 -12.86 9.94
CA ASP C 238 17.96 -13.22 8.53
C ASP C 238 17.22 -14.49 8.12
N GLY C 239 16.13 -14.79 8.80
CA GLY C 239 15.34 -15.97 8.51
C GLY C 239 16.00 -17.29 8.87
N GLN C 240 17.12 -17.25 9.59
CA GLN C 240 17.93 -18.45 9.83
C GLN C 240 17.96 -18.92 11.28
N LYS C 241 18.15 -17.99 12.21
CA LYS C 241 18.34 -18.34 13.62
C LYS C 241 17.30 -17.62 14.46
N SER C 242 16.79 -18.31 15.46
CA SER C 242 15.66 -17.80 16.23
C SER C 242 15.70 -18.18 17.69
N VAL C 243 14.98 -17.42 18.50
CA VAL C 243 14.87 -17.68 19.93
C VAL C 243 13.61 -17.00 20.49
N ASP C 244 12.97 -17.65 21.45
CA ASP C 244 11.89 -17.02 22.20
C ASP C 244 12.46 -15.92 23.06
N PHE C 245 11.69 -14.85 23.23
CA PHE C 245 11.99 -13.84 24.24
C PHE C 245 10.73 -13.24 24.82
N ASP C 246 10.87 -12.60 25.97
CA ASP C 246 9.81 -11.78 26.52
C ASP C 246 10.42 -10.50 27.07
N GLY C 247 9.74 -9.39 26.84
CA GLY C 247 10.13 -8.12 27.40
C GLY C 247 10.70 -7.22 26.33
N GLU C 248 12.00 -6.95 26.41
CA GLU C 248 12.70 -6.01 25.52
C GLU C 248 13.82 -6.71 24.77
N ILE C 249 14.05 -6.29 23.54
CA ILE C 249 15.32 -6.57 22.85
C ILE C 249 15.89 -5.29 22.28
N THR C 250 17.21 -5.18 22.27
CA THR C 250 17.89 -4.05 21.68
C THR C 250 18.59 -4.50 20.42
N ILE C 251 18.52 -3.67 19.39
CA ILE C 251 19.16 -3.93 18.11
C ILE C 251 20.06 -2.74 17.75
N GLU C 252 21.31 -3.03 17.41
CA GLU C 252 22.25 -2.00 17.04
C GLU C 252 23.26 -2.50 16.03
N LYS C 253 23.84 -1.57 15.31
CA LYS C 253 24.92 -1.86 14.38
C LYS C 253 26.12 -2.50 15.09
N SER C 254 26.63 -3.58 14.49
CA SER C 254 27.76 -4.30 15.04
C SER C 254 29.07 -3.81 14.43
N GLU C 255 30.16 -4.34 14.96
CA GLU C 255 31.52 -3.99 14.53
C GLU C 255 32.02 -4.93 13.42
N PHE C 256 31.16 -5.84 12.96
CA PHE C 256 31.56 -6.91 12.05
C PHE C 256 30.70 -6.95 10.80
N PRO C 257 31.06 -6.16 9.80
CA PRO C 257 30.27 -6.07 8.57
C PRO C 257 30.39 -7.30 7.69
N ALA C 258 29.42 -7.50 6.81
CA ALA C 258 29.55 -8.45 5.71
C ALA C 258 30.51 -7.85 4.68
N VAL C 259 31.42 -8.67 4.18
CA VAL C 259 32.43 -8.24 3.22
C VAL C 259 32.25 -9.02 1.92
N PHE C 260 32.08 -8.26 0.84
CA PHE C 260 31.93 -8.80 -0.51
C PHE C 260 33.00 -8.20 -1.41
N PHE C 261 33.36 -8.92 -2.47
CA PHE C 261 34.13 -8.27 -3.53
C PHE C 261 33.27 -7.17 -4.11
N LYS C 262 33.93 -6.14 -4.61
CA LYS C 262 33.25 -4.99 -5.17
C LYS C 262 32.45 -5.40 -6.39
N ASN C 263 31.18 -4.97 -6.42
CA ASN C 263 30.31 -5.16 -7.55
C ASN C 263 30.03 -3.76 -8.09
N GLU C 264 30.75 -3.39 -9.15
CA GLU C 264 30.62 -2.06 -9.76
C GLU C 264 29.24 -1.79 -10.35
N LYS C 265 28.44 -2.84 -10.50
CA LYS C 265 27.09 -2.73 -11.07
C LYS C 265 25.98 -2.86 -10.03
N ARG C 266 26.31 -2.81 -8.75
CA ARG C 266 25.35 -3.12 -7.71
C ARG C 266 24.18 -2.13 -7.69
N PHE C 267 24.47 -0.86 -7.87
CA PHE C 267 23.42 0.16 -7.88
C PHE C 267 22.57 -0.01 -9.13
N ARG C 268 23.23 -0.05 -10.29
CA ARG C 268 22.55 -0.21 -11.58
C ARG C 268 21.64 -1.43 -11.59
N ASN C 269 22.16 -2.56 -11.12
CA ASN C 269 21.43 -3.84 -11.15
C ASN C 269 20.25 -3.90 -10.19
N LEU C 270 20.28 -3.09 -9.13
CA LEU C 270 19.23 -3.09 -8.11
C LEU C 270 17.83 -2.99 -8.69
N PHE C 271 17.61 -2.03 -9.58
CA PHE C 271 16.27 -1.71 -10.03
C PHE C 271 15.67 -2.84 -10.88
N GLY C 272 16.48 -3.42 -11.77
CA GLY C 272 16.05 -4.55 -12.57
C GLY C 272 15.79 -5.79 -11.74
N LYS C 273 16.68 -6.07 -10.79
CA LYS C 273 16.55 -7.25 -9.93
C LYS C 273 15.29 -7.18 -9.07
N VAL C 274 15.02 -5.99 -8.53
CA VAL C 274 13.82 -5.77 -7.72
C VAL C 274 12.56 -6.05 -8.49
N ARG C 275 12.50 -5.60 -9.75
CA ARG C 275 11.32 -5.81 -10.58
C ARG C 275 11.07 -7.29 -10.88
N SER C 276 12.13 -8.11 -10.81
CA SER C 276 12.02 -9.55 -11.04
C SER C 276 11.72 -10.35 -9.76
N ILE C 277 11.59 -9.68 -8.63
CA ILE C 277 11.31 -10.36 -7.36
C ILE C 277 9.96 -11.06 -7.44
N GLY C 278 9.98 -12.34 -7.11
CA GLY C 278 8.80 -13.19 -7.12
C GLY C 278 9.11 -14.47 -6.35
N MET D 30 19.79 42.89 17.11
CA MET D 30 19.38 42.20 15.92
C MET D 30 18.09 42.78 15.36
N ARG D 31 17.81 42.46 14.11
CA ARG D 31 16.55 42.79 13.45
C ARG D 31 15.93 41.49 12.97
N ALA D 32 14.64 41.32 13.25
CA ALA D 32 13.89 40.14 12.82
C ALA D 32 12.68 40.56 11.98
N ALA D 33 12.36 39.72 10.99
CA ALA D 33 11.13 39.89 10.21
C ALA D 33 10.10 38.91 10.75
N VAL D 34 8.87 39.37 10.96
CA VAL D 34 7.76 38.50 11.31
C VAL D 34 6.85 38.41 10.11
N VAL D 35 6.70 37.20 9.58
CA VAL D 35 5.92 36.97 8.38
C VAL D 35 4.69 36.19 8.76
N TYR D 36 3.52 36.70 8.40
CA TYR D 36 2.26 36.13 8.87
C TYR D 36 1.27 35.92 7.71
N LYS D 37 0.60 34.76 7.73
CA LYS D 37 -0.50 34.47 6.81
C LYS D 37 -1.76 35.20 7.28
N THR D 38 -2.09 35.10 8.57
CA THR D 38 -3.14 35.89 9.20
C THR D 38 -2.55 36.76 10.30
N ASP D 39 -3.19 37.89 10.55
CA ASP D 39 -2.66 38.94 11.43
C ASP D 39 -2.81 38.62 12.93
N GLY D 40 -3.50 37.53 13.25
CA GLY D 40 -3.65 37.09 14.62
C GLY D 40 -2.35 36.59 15.24
N HIS D 41 -2.16 36.96 16.51
CA HIS D 41 -0.95 36.68 17.29
C HIS D 41 0.24 37.58 16.97
N VAL D 42 0.12 38.44 15.95
CA VAL D 42 1.27 39.19 15.46
C VAL D 42 1.74 40.22 16.48
N LYS D 43 0.80 40.97 17.05
CA LYS D 43 1.13 42.02 18.01
C LYS D 43 1.86 41.46 19.23
N ARG D 44 1.46 40.27 19.68
CA ARG D 44 2.08 39.66 20.86
C ARG D 44 3.47 39.10 20.58
N ILE D 45 3.68 38.61 19.37
CA ILE D 45 4.98 38.13 18.94
C ILE D 45 5.95 39.31 18.81
N GLU D 46 5.45 40.42 18.28
CA GLU D 46 6.25 41.64 18.13
C GLU D 46 6.67 42.18 19.49
N GLU D 47 5.73 42.20 20.44
CA GLU D 47 6.03 42.67 21.79
C GLU D 47 7.06 41.76 22.48
N ALA D 48 6.98 40.46 22.22
CA ALA D 48 7.93 39.49 22.77
C ALA D 48 9.34 39.73 22.23
N LEU D 49 9.45 40.03 20.94
CA LEU D 49 10.74 40.35 20.32
C LEU D 49 11.30 41.67 20.84
N LYS D 50 10.43 42.66 20.99
CA LYS D 50 10.79 43.97 21.57
C LYS D 50 11.41 43.80 22.95
N ARG D 51 10.91 42.83 23.73
CA ARG D 51 11.44 42.53 25.07
C ARG D 51 12.79 41.82 25.02
N LEU D 52 13.07 41.14 23.91
CA LEU D 52 14.38 40.55 23.66
C LEU D 52 15.36 41.54 23.00
N GLU D 53 14.98 42.81 22.93
CA GLU D 53 15.78 43.91 22.35
C GLU D 53 16.09 43.71 20.87
N VAL D 54 15.15 43.07 20.17
CA VAL D 54 15.23 42.82 18.73
C VAL D 54 14.32 43.79 18.01
N GLU D 55 14.83 44.49 17.00
CA GLU D 55 14.01 45.34 16.13
C GLU D 55 13.18 44.46 15.22
N VAL D 56 11.94 44.87 14.96
CA VAL D 56 10.98 44.04 14.23
C VAL D 56 10.42 44.78 13.03
N GLU D 57 10.30 44.06 11.92
CA GLU D 57 9.53 44.49 10.78
C GLU D 57 8.51 43.41 10.43
N LEU D 58 7.27 43.83 10.17
CA LEU D 58 6.18 42.91 9.83
C LEU D 58 6.00 42.78 8.32
N PHE D 59 5.78 41.56 7.88
CA PHE D 59 5.51 41.23 6.47
C PHE D 59 4.25 40.39 6.36
N ASN D 60 3.25 40.88 5.62
CA ASN D 60 2.06 40.08 5.32
C ASN D 60 2.25 39.11 4.14
N GLN D 61 3.35 39.28 3.42
CA GLN D 61 3.76 38.32 2.40
C GLN D 61 5.28 38.31 2.32
N PRO D 62 5.86 37.15 2.04
CA PRO D 62 7.32 37.06 1.92
C PRO D 62 7.87 37.83 0.72
N SER D 63 9.12 38.25 0.84
CA SER D 63 9.86 38.87 -0.25
C SER D 63 11.33 38.56 -0.10
N GLU D 64 12.09 38.82 -1.16
CA GLU D 64 13.53 38.62 -1.16
C GLU D 64 14.26 39.51 -0.15
N GLU D 65 13.61 40.59 0.30
CA GLU D 65 14.15 41.46 1.34
C GLU D 65 14.44 40.73 2.66
N LEU D 66 13.73 39.62 2.89
CA LEU D 66 13.92 38.82 4.09
C LEU D 66 15.36 38.33 4.31
N GLU D 67 16.15 38.22 3.24
CA GLU D 67 17.59 37.87 3.36
C GLU D 67 18.39 38.85 4.20
N ASN D 68 17.91 40.08 4.32
CA ASN D 68 18.61 41.14 5.04
C ASN D 68 18.41 41.13 6.56
N PHE D 69 17.67 40.16 7.09
CA PHE D 69 17.38 40.12 8.51
C PHE D 69 18.27 39.09 9.20
N ASP D 70 18.45 39.28 10.49
CA ASP D 70 19.20 38.32 11.33
C ASP D 70 18.46 37.01 11.53
N PHE D 71 17.14 37.08 11.64
CA PHE D 71 16.30 35.91 11.67
C PHE D 71 14.87 36.23 11.28
N ILE D 72 14.08 35.18 11.06
CA ILE D 72 12.71 35.31 10.58
C ILE D 72 11.82 34.47 11.48
N VAL D 73 10.70 35.06 11.89
CA VAL D 73 9.67 34.34 12.63
C VAL D 73 8.47 34.18 11.70
N SER D 74 8.07 32.94 11.45
CA SER D 74 6.94 32.65 10.57
C SER D 74 5.74 32.35 11.44
N VAL D 75 4.61 32.96 11.12
CA VAL D 75 3.35 32.73 11.83
C VAL D 75 2.38 32.13 10.82
N GLY D 76 2.09 30.85 11.00
CA GLY D 76 1.33 30.10 10.02
C GLY D 76 1.69 28.64 10.11
N GLY D 77 1.32 27.88 9.09
CA GLY D 77 1.68 26.48 9.04
C GLY D 77 2.97 26.23 8.28
N ASP D 78 3.14 25.01 7.81
CA ASP D 78 4.33 24.66 7.04
C ASP D 78 4.35 25.37 5.69
N GLY D 79 3.19 25.55 5.05
CA GLY D 79 3.12 26.26 3.77
C GLY D 79 3.67 27.68 3.83
N THR D 80 3.44 28.36 4.93
CA THR D 80 3.96 29.71 5.09
C THR D 80 5.49 29.67 5.08
N ILE D 81 6.06 28.68 5.75
CA ILE D 81 7.49 28.48 5.73
C ILE D 81 8.00 28.14 4.32
N LEU D 82 7.27 27.32 3.58
CA LEU D 82 7.69 26.98 2.22
C LEU D 82 7.69 28.21 1.31
N ARG D 83 6.71 29.07 1.51
CA ARG D 83 6.57 30.31 0.73
C ARG D 83 7.65 31.32 1.09
N ILE D 84 8.03 31.37 2.37
CA ILE D 84 9.16 32.19 2.79
C ILE D 84 10.44 31.72 2.11
N LEU D 85 10.66 30.41 2.12
CA LEU D 85 11.89 29.82 1.57
C LEU D 85 12.01 30.05 0.06
N GLN D 86 10.87 30.10 -0.63
CA GLN D 86 10.82 30.38 -2.05
C GLN D 86 11.48 31.71 -2.41
N LYS D 87 11.56 32.62 -1.44
CA LYS D 87 12.10 33.97 -1.67
C LYS D 87 13.54 34.11 -1.16
N LEU D 88 14.08 33.04 -0.60
CA LEU D 88 15.39 33.05 0.02
C LEU D 88 16.38 32.13 -0.67
N LYS D 89 17.51 32.70 -1.09
CA LYS D 89 18.66 31.92 -1.48
C LYS D 89 19.52 31.72 -0.22
N ARG D 90 20.19 32.77 0.26
CA ARG D 90 20.79 32.75 1.59
C ARG D 90 19.66 32.84 2.60
N CYS D 91 19.65 31.95 3.59
CA CYS D 91 18.51 31.81 4.46
C CYS D 91 18.88 32.19 5.90
N PRO D 92 18.37 33.31 6.40
CA PRO D 92 18.48 33.58 7.84
C PRO D 92 17.72 32.51 8.60
N PRO D 93 18.12 32.16 9.82
CA PRO D 93 17.39 31.13 10.56
C PRO D 93 15.93 31.51 10.77
N ILE D 94 15.06 30.51 10.54
CA ILE D 94 13.63 30.64 10.71
C ILE D 94 13.15 29.98 12.00
N PHE D 95 12.32 30.72 12.74
CA PHE D 95 11.57 30.20 13.88
C PHE D 95 10.08 30.18 13.50
N GLY D 96 9.44 29.02 13.63
CA GLY D 96 8.06 28.84 13.21
C GLY D 96 7.11 28.81 14.40
N ILE D 97 6.07 29.61 14.34
CA ILE D 97 4.98 29.55 15.29
C ILE D 97 3.78 28.99 14.54
N ASN D 98 3.30 27.83 14.98
CA ASN D 98 2.34 27.04 14.24
C ASN D 98 0.90 27.45 14.51
N THR D 99 0.26 28.01 13.50
CA THR D 99 -1.18 28.26 13.51
C THR D 99 -1.88 27.35 12.49
N GLY D 100 -1.12 26.48 11.83
CA GLY D 100 -1.63 25.57 10.81
C GLY D 100 -1.96 24.18 11.36
N ARG D 101 -2.03 23.20 10.47
CA ARG D 101 -2.51 21.87 10.83
C ARG D 101 -1.46 21.03 11.55
N VAL D 102 -0.36 20.71 10.88
CA VAL D 102 0.60 19.73 11.38
C VAL D 102 1.82 20.39 12.01
N GLY D 103 2.50 21.26 11.27
CA GLY D 103 3.62 22.02 11.81
C GLY D 103 4.88 21.20 12.05
N LEU D 104 5.26 20.39 11.06
CA LEU D 104 6.53 19.66 11.10
C LEU D 104 7.75 20.57 11.05
N LEU D 105 7.60 21.78 10.51
CA LEU D 105 8.72 22.71 10.36
C LEU D 105 8.75 23.82 11.42
N THR D 106 7.74 23.85 12.30
CA THR D 106 7.61 24.90 13.31
C THR D 106 8.24 24.50 14.64
N HIS D 107 8.38 25.46 15.53
CA HIS D 107 9.06 25.28 16.80
C HIS D 107 8.16 25.42 18.01
N ALA D 108 7.06 26.14 17.85
CA ALA D 108 6.21 26.46 18.98
C ALA D 108 4.78 26.70 18.52
N SER D 109 3.87 26.72 19.48
CA SER D 109 2.48 27.10 19.28
C SER D 109 2.28 28.52 19.81
N PRO D 110 1.20 29.17 19.40
CA PRO D 110 0.85 30.50 19.90
C PRO D 110 0.63 30.56 21.42
N GLU D 111 0.17 29.46 22.01
CA GLU D 111 -0.13 29.42 23.44
C GLU D 111 1.11 29.49 24.32
N ASN D 112 2.25 29.02 23.81
CA ASN D 112 3.49 29.01 24.59
C ASN D 112 4.71 29.05 23.69
N PHE D 113 5.02 30.24 23.17
CA PHE D 113 6.15 30.42 22.24
C PHE D 113 7.29 31.26 22.82
N GLU D 114 7.03 32.04 23.86
CA GLU D 114 7.99 33.03 24.35
C GLU D 114 9.25 32.39 24.92
N VAL D 115 9.08 31.33 25.71
CA VAL D 115 10.22 30.64 26.30
C VAL D 115 11.09 30.02 25.21
N GLU D 116 10.47 29.38 24.23
CA GLU D 116 11.20 28.75 23.14
C GLU D 116 11.84 29.79 22.22
N LEU D 117 11.19 30.93 22.04
CA LEU D 117 11.74 32.01 21.22
C LEU D 117 12.99 32.61 21.91
N LYS D 118 12.89 32.85 23.21
CA LYS D 118 14.02 33.35 23.99
C LYS D 118 15.23 32.42 23.87
N LYS D 119 15.01 31.13 24.10
CA LYS D 119 16.05 30.12 23.94
C LYS D 119 16.66 30.17 22.54
N ALA D 120 15.83 30.25 21.52
CA ALA D 120 16.31 30.29 20.15
C ALA D 120 17.25 31.46 19.89
N VAL D 121 16.82 32.67 20.23
CA VAL D 121 17.61 33.88 20.00
C VAL D 121 18.92 33.90 20.80
N GLU D 122 18.84 33.49 22.06
CA GLU D 122 19.99 33.58 22.96
C GLU D 122 21.08 32.57 22.64
N LYS D 123 20.69 31.34 22.31
CA LYS D 123 21.66 30.31 21.95
C LYS D 123 22.12 30.48 20.50
N PHE D 124 21.16 30.85 19.66
CA PHE D 124 21.38 30.98 18.21
C PHE D 124 22.06 29.76 17.58
N GLU D 125 21.57 28.58 17.93
CA GLU D 125 21.98 27.33 17.32
C GLU D 125 21.03 27.02 16.18
N VAL D 126 21.59 26.68 15.03
CA VAL D 126 20.80 26.44 13.83
C VAL D 126 21.04 25.04 13.28
N GLU D 127 20.11 24.60 12.44
CA GLU D 127 20.22 23.39 11.65
C GLU D 127 19.92 23.72 10.20
N ARG D 128 20.64 23.07 9.30
CA ARG D 128 20.54 23.29 7.88
C ARG D 128 20.00 22.01 7.24
N PHE D 129 19.00 22.17 6.39
CA PHE D 129 18.43 21.06 5.64
C PHE D 129 18.55 21.35 4.17
N PRO D 130 19.04 20.37 3.41
CA PRO D 130 19.33 20.63 2.00
C PRO D 130 18.09 20.95 1.19
N ARG D 131 18.27 21.83 0.21
CA ARG D 131 17.27 22.10 -0.80
C ARG D 131 17.81 21.70 -2.13
N VAL D 132 16.90 21.40 -3.05
CA VAL D 132 17.27 20.96 -4.38
C VAL D 132 16.85 21.99 -5.41
N SER D 133 17.54 21.94 -6.54
CA SER D 133 17.27 22.79 -7.68
C SER D 133 16.85 21.89 -8.83
N CYS D 134 16.23 22.50 -9.83
CA CYS D 134 15.69 21.80 -10.96
C CYS D 134 16.03 22.60 -12.21
N SER D 135 16.46 21.93 -13.27
CA SER D 135 16.99 22.61 -14.46
C SER D 135 15.94 23.43 -15.22
N ALA D 136 14.67 23.05 -15.10
CA ALA D 136 13.58 23.77 -15.76
C ALA D 136 13.30 25.12 -15.11
N MET D 137 13.59 25.23 -13.81
CA MET D 137 13.36 26.46 -13.05
C MET D 137 14.63 26.91 -12.35
N PRO D 138 15.51 27.56 -13.09
CA PRO D 138 16.70 28.18 -12.50
C PRO D 138 16.32 29.20 -11.44
N ASP D 139 17.13 29.28 -10.39
CA ASP D 139 16.88 30.19 -9.27
C ASP D 139 15.69 29.79 -8.40
N VAL D 140 15.12 28.62 -8.60
CA VAL D 140 14.08 28.14 -7.71
C VAL D 140 14.61 26.99 -6.90
N LEU D 141 14.39 27.04 -5.59
CA LEU D 141 14.81 25.93 -4.72
C LEU D 141 13.61 25.30 -4.02
N ALA D 142 13.73 24.02 -3.68
CA ALA D 142 12.67 23.28 -3.03
C ALA D 142 13.22 22.53 -1.82
N LEU D 143 12.52 22.62 -0.70
CA LEU D 143 12.86 21.91 0.51
C LEU D 143 12.17 20.58 0.59
N ASN D 144 10.92 20.52 0.14
CA ASN D 144 10.12 19.28 0.21
C ASN D 144 10.30 18.40 -1.02
N GLU D 145 9.88 18.91 -2.17
CA GLU D 145 9.95 18.13 -3.40
C GLU D 145 9.85 18.94 -4.66
N ILE D 146 10.33 18.31 -5.73
CA ILE D 146 9.99 18.68 -7.08
C ILE D 146 9.07 17.60 -7.60
N ALA D 147 7.90 18.00 -8.08
CA ALA D 147 6.94 17.06 -8.66
C ALA D 147 6.72 17.38 -10.12
N VAL D 148 6.71 16.34 -10.94
CA VAL D 148 6.42 16.42 -12.35
C VAL D 148 5.04 15.81 -12.54
N LEU D 149 4.10 16.59 -13.04
CA LEU D 149 2.72 16.17 -13.21
C LEU D 149 2.25 16.36 -14.64
N SER D 150 1.21 15.62 -14.99
CA SER D 150 0.53 15.81 -16.24
C SER D 150 -0.04 17.21 -16.34
N ARG D 151 0.05 17.79 -17.52
CA ARG D 151 -0.55 19.09 -17.80
C ARG D 151 -2.07 18.97 -17.88
N LYS D 152 -2.56 17.80 -18.30
CA LYS D 152 -3.99 17.54 -18.47
C LYS D 152 -4.50 16.70 -17.31
N PRO D 153 -5.38 17.25 -16.46
CA PRO D 153 -5.86 16.50 -15.28
C PRO D 153 -6.56 15.20 -15.66
N ALA D 154 -6.35 14.16 -14.87
CA ALA D 154 -6.92 12.83 -15.12
C ALA D 154 -6.33 12.16 -16.37
N LYS D 155 -5.17 12.64 -16.80
CA LYS D 155 -4.49 12.05 -17.94
C LYS D 155 -3.08 11.72 -17.51
N MET D 156 -2.64 10.52 -17.84
CA MET D 156 -1.33 10.10 -17.40
C MET D 156 -0.26 10.65 -18.30
N ILE D 157 0.94 10.72 -17.75
CA ILE D 157 2.16 10.98 -18.50
C ILE D 157 3.07 9.76 -18.41
N ASP D 158 3.92 9.58 -19.40
CA ASP D 158 4.92 8.53 -19.43
C ASP D 158 6.19 9.16 -18.93
N VAL D 159 6.69 8.66 -17.81
CA VAL D 159 7.82 9.27 -17.12
C VAL D 159 8.97 8.28 -17.14
N ALA D 160 10.15 8.74 -17.53
CA ALA D 160 11.36 7.94 -17.37
C ALA D 160 12.20 8.60 -16.29
N LEU D 161 12.86 7.75 -15.52
CA LEU D 161 13.65 8.21 -14.38
C LEU D 161 15.09 7.73 -14.56
N ARG D 162 16.06 8.64 -14.46
CA ARG D 162 17.47 8.29 -14.54
C ARG D 162 18.14 8.74 -13.25
N VAL D 163 19.03 7.91 -12.71
CA VAL D 163 19.80 8.27 -11.53
C VAL D 163 21.26 8.05 -11.86
N ASP D 164 22.06 9.12 -11.74
CA ASP D 164 23.46 9.11 -12.16
C ASP D 164 23.63 8.57 -13.59
N GLY D 165 22.75 9.01 -14.48
CA GLY D 165 22.88 8.78 -15.92
C GLY D 165 22.33 7.47 -16.45
N VAL D 166 21.82 6.62 -15.55
CA VAL D 166 21.31 5.33 -15.94
C VAL D 166 19.79 5.33 -15.79
N GLU D 167 19.09 4.88 -16.84
CA GLU D 167 17.64 4.78 -16.75
C GLU D 167 17.27 3.60 -15.88
N VAL D 168 16.57 3.90 -14.78
CA VAL D 168 16.21 2.94 -13.74
C VAL D 168 14.73 2.55 -13.73
N ASP D 169 13.88 3.35 -14.38
CA ASP D 169 12.46 3.02 -14.48
C ASP D 169 11.79 3.85 -15.54
N ARG D 170 10.70 3.30 -16.07
CA ARG D 170 9.77 4.03 -16.90
C ARG D 170 8.38 3.58 -16.49
N ILE D 171 7.49 4.54 -16.28
CA ILE D 171 6.18 4.23 -15.71
C ILE D 171 5.14 5.25 -16.17
N ARG D 172 3.93 4.79 -16.41
CA ARG D 172 2.83 5.67 -16.73
C ARG D 172 2.14 6.03 -15.40
N CYS D 173 1.86 7.31 -15.21
CA CYS D 173 1.41 7.78 -13.91
C CYS D 173 0.79 9.16 -13.97
N ASP D 174 0.12 9.60 -12.91
CA ASP D 174 -0.39 10.97 -12.87
C ASP D 174 0.74 11.97 -12.77
N GLY D 175 1.78 11.57 -12.08
CA GLY D 175 2.97 12.37 -11.90
C GLY D 175 4.04 11.62 -11.16
N PHE D 176 5.14 12.32 -10.90
CA PHE D 176 6.27 11.72 -10.25
C PHE D 176 6.95 12.70 -9.32
N ILE D 177 7.25 12.23 -8.11
CA ILE D 177 7.78 13.08 -7.05
C ILE D 177 9.24 12.72 -6.77
N VAL D 178 10.05 13.77 -6.67
CA VAL D 178 11.42 13.67 -6.20
C VAL D 178 11.50 14.51 -4.91
N ALA D 179 11.54 13.84 -3.77
CA ALA D 179 11.44 14.50 -2.46
C ALA D 179 12.73 14.37 -1.70
N THR D 180 13.00 15.33 -0.82
CA THR D 180 14.07 15.16 0.15
C THR D 180 13.49 14.43 1.35
N GLN D 181 14.32 14.13 2.34
CA GLN D 181 13.82 13.47 3.54
C GLN D 181 12.83 14.37 4.28
N ILE D 182 13.00 15.69 4.18
CA ILE D 182 12.03 16.61 4.78
C ILE D 182 10.70 16.50 4.08
N GLY D 183 10.73 16.27 2.78
CA GLY D 183 9.53 16.07 2.00
C GLY D 183 8.90 14.71 2.14
N SER D 184 9.53 13.81 2.88
CA SER D 184 8.97 12.45 3.02
C SER D 184 7.61 12.46 3.71
N THR D 185 7.32 13.51 4.48
CA THR D 185 6.03 13.65 5.14
C THR D 185 5.06 14.58 4.41
N GLY D 186 5.32 14.86 3.13
CA GLY D 186 4.47 15.72 2.33
C GLY D 186 3.85 14.96 1.16
N TYR D 187 4.06 15.44 -0.05
CA TYR D 187 3.47 14.83 -1.23
C TYR D 187 3.88 13.35 -1.33
N ALA D 188 5.14 13.06 -1.05
CA ALA D 188 5.64 11.68 -1.11
C ALA D 188 4.87 10.78 -0.13
N PHE D 189 4.61 11.26 1.08
CA PHE D 189 3.76 10.58 2.06
C PHE D 189 2.36 10.24 1.48
N SER D 190 1.73 11.22 0.85
CA SER D 190 0.39 11.04 0.29
C SER D 190 0.40 9.98 -0.84
N ALA D 191 1.50 9.92 -1.58
CA ALA D 191 1.65 8.98 -2.68
C ALA D 191 2.01 7.57 -2.20
N GLY D 192 2.26 7.41 -0.90
CA GLY D 192 2.50 6.10 -0.30
C GLY D 192 3.93 5.85 0.14
N GLY D 193 4.71 6.93 0.29
CA GLY D 193 6.10 6.84 0.62
C GLY D 193 6.37 6.61 2.08
N PRO D 194 7.61 6.24 2.40
CA PRO D 194 8.00 6.00 3.80
C PRO D 194 8.26 7.28 4.54
N VAL D 195 8.12 7.27 5.86
CA VAL D 195 8.52 8.41 6.66
C VAL D 195 10.02 8.28 6.92
N VAL D 196 10.77 9.31 6.54
CA VAL D 196 12.22 9.31 6.71
C VAL D 196 12.58 10.38 7.71
N GLU D 197 13.44 10.03 8.65
CA GLU D 197 13.82 10.98 9.69
C GLU D 197 14.56 12.20 9.08
N PRO D 198 14.38 13.36 9.70
CA PRO D 198 14.92 14.59 9.10
C PRO D 198 16.45 14.64 9.00
N TYR D 199 17.18 13.82 9.75
CA TYR D 199 18.66 13.87 9.78
C TYR D 199 19.35 12.80 8.94
N LEU D 200 18.57 12.09 8.13
CA LEU D 200 19.08 11.14 7.14
C LEU D 200 18.88 11.75 5.76
N GLU D 201 19.97 12.23 5.17
CA GLU D 201 19.88 12.89 3.87
C GLU D 201 19.67 11.88 2.76
N CYS D 202 18.60 12.07 2.01
CA CYS D 202 18.28 11.24 0.84
C CYS D 202 17.19 11.84 -0.04
N PHE D 203 17.04 11.25 -1.23
CA PHE D 203 15.92 11.48 -2.12
C PHE D 203 14.95 10.31 -1.95
N ILE D 204 13.67 10.60 -1.96
CA ILE D 204 12.60 9.62 -2.12
C ILE D 204 12.01 9.81 -3.52
N LEU D 205 12.02 8.75 -4.32
CA LEU D 205 11.56 8.79 -5.71
C LEU D 205 10.31 7.93 -5.77
N ILE D 206 9.19 8.54 -6.08
CA ILE D 206 7.88 7.85 -5.98
C ILE D 206 6.84 8.40 -6.96
N PRO D 207 6.12 7.50 -7.65
CA PRO D 207 5.06 7.91 -8.56
C PRO D 207 3.74 8.21 -7.88
N ILE D 208 2.97 9.10 -8.48
CA ILE D 208 1.61 9.39 -8.05
C ILE D 208 0.68 8.60 -8.96
N ALA D 209 -0.17 7.76 -8.36
CA ALA D 209 -1.12 6.93 -9.12
C ALA D 209 -0.48 6.24 -10.34
N PRO D 210 0.50 5.38 -10.11
CA PRO D 210 1.13 4.64 -11.21
C PRO D 210 0.21 3.56 -11.77
N PHE D 211 0.10 3.51 -13.09
CA PHE D 211 -0.67 2.46 -13.74
C PHE D 211 0.29 1.32 -14.04
N ARG D 212 0.52 0.51 -13.03
CA ARG D 212 1.40 -0.66 -13.15
C ARG D 212 1.10 -1.62 -12.01
N PHE D 213 1.14 -2.92 -12.32
CA PHE D 213 0.82 -3.96 -11.35
C PHE D 213 1.70 -3.91 -10.08
N GLY D 214 2.99 -3.64 -10.26
CA GLY D 214 3.92 -3.45 -9.16
C GLY D 214 4.73 -2.16 -9.28
N TRP D 215 5.02 -1.56 -8.14
CA TRP D 215 5.89 -0.39 -8.08
C TRP D 215 6.34 -0.21 -6.64
N LYS D 216 7.43 0.49 -6.45
CA LYS D 216 7.98 0.75 -5.12
C LYS D 216 8.54 2.18 -5.07
N PRO D 217 8.48 2.83 -3.90
CA PRO D 217 9.29 4.03 -3.67
C PRO D 217 10.76 3.62 -3.66
N TYR D 218 11.63 4.44 -4.20
CA TYR D 218 13.08 4.23 -4.13
C TYR D 218 13.69 5.32 -3.27
N VAL D 219 14.58 4.94 -2.37
CA VAL D 219 15.27 5.90 -1.53
C VAL D 219 16.73 5.85 -1.91
N VAL D 220 17.27 6.98 -2.37
CA VAL D 220 18.67 7.05 -2.81
C VAL D 220 19.43 8.21 -2.20
N SER D 221 20.76 8.14 -2.30
CA SER D 221 21.64 9.16 -1.76
C SER D 221 21.35 10.49 -2.45
N MET D 222 21.35 11.55 -1.67
CA MET D 222 21.15 12.90 -2.19
C MET D 222 22.39 13.43 -2.92
N GLU D 223 23.47 12.65 -2.94
CA GLU D 223 24.64 13.02 -3.72
C GLU D 223 24.46 12.69 -5.20
N ARG D 224 23.42 11.92 -5.51
CA ARG D 224 23.17 11.45 -6.88
C ARG D 224 22.37 12.48 -7.68
N LYS D 225 22.56 12.45 -8.99
CA LYS D 225 21.88 13.35 -9.91
C LYS D 225 20.61 12.65 -10.37
N ILE D 226 19.48 13.33 -10.34
CA ILE D 226 18.22 12.72 -10.75
C ILE D 226 17.78 13.38 -12.03
N GLU D 227 17.35 12.58 -12.99
CA GLU D 227 16.76 13.13 -14.21
C GLU D 227 15.37 12.52 -14.36
N VAL D 228 14.41 13.36 -14.69
CA VAL D 228 13.05 12.94 -14.95
C VAL D 228 12.74 13.41 -16.38
N ILE D 229 12.24 12.50 -17.20
CA ILE D 229 11.94 12.77 -18.58
C ILE D 229 10.47 12.50 -18.85
N ALA D 230 9.77 13.52 -19.36
CA ALA D 230 8.35 13.42 -19.66
C ALA D 230 7.98 14.53 -20.62
N GLU D 231 6.98 14.25 -21.45
CA GLU D 231 6.40 15.23 -22.37
C GLU D 231 5.04 15.67 -21.79
N LYS D 232 4.62 16.88 -22.15
CA LYS D 232 3.29 17.40 -21.81
C LYS D 232 3.10 17.42 -20.31
N ALA D 233 4.11 17.92 -19.60
CA ALA D 233 4.12 17.90 -18.15
C ALA D 233 4.28 19.30 -17.59
N ILE D 234 4.16 19.41 -16.28
CA ILE D 234 4.46 20.61 -15.54
C ILE D 234 5.37 20.18 -14.41
N VAL D 235 6.26 21.07 -13.98
CA VAL D 235 7.13 20.81 -12.85
C VAL D 235 6.78 21.82 -11.77
N VAL D 236 6.67 21.35 -10.53
CA VAL D 236 6.22 22.18 -9.41
C VAL D 236 7.18 22.04 -8.25
N ALA D 237 7.65 23.17 -7.73
CA ALA D 237 8.54 23.17 -6.56
C ALA D 237 7.76 23.50 -5.30
N ASP D 238 7.74 22.56 -4.36
CA ASP D 238 7.14 22.75 -3.02
C ASP D 238 5.67 23.16 -3.05
N GLY D 239 4.95 22.79 -4.11
CA GLY D 239 3.56 23.16 -4.28
C GLY D 239 3.32 24.65 -4.51
N GLN D 240 4.38 25.40 -4.82
CA GLN D 240 4.30 26.87 -4.88
C GLN D 240 4.56 27.49 -6.25
N LYS D 241 5.53 26.96 -6.96
CA LYS D 241 5.92 27.52 -8.24
C LYS D 241 5.96 26.45 -9.28
N SER D 242 5.42 26.76 -10.45
CA SER D 242 5.28 25.78 -11.52
C SER D 242 5.67 26.35 -12.87
N VAL D 243 6.17 25.48 -13.74
CA VAL D 243 6.40 25.82 -15.14
C VAL D 243 6.11 24.62 -16.03
N ASP D 244 5.60 24.89 -17.21
CA ASP D 244 5.47 23.88 -18.26
C ASP D 244 6.85 23.46 -18.73
N PHE D 245 7.02 22.17 -18.98
CA PHE D 245 8.21 21.68 -19.65
C PHE D 245 7.94 20.46 -20.50
N ASP D 246 8.85 20.23 -21.43
CA ASP D 246 8.90 19.01 -22.21
C ASP D 246 10.34 18.56 -22.29
N GLY D 247 10.54 17.25 -22.23
CA GLY D 247 11.86 16.66 -22.30
C GLY D 247 12.39 16.36 -20.92
N GLU D 248 13.66 16.65 -20.74
CA GLU D 248 14.40 16.21 -19.55
C GLU D 248 14.55 17.35 -18.56
N ILE D 249 14.38 17.04 -17.28
CA ILE D 249 14.80 17.92 -16.20
C ILE D 249 15.76 17.22 -15.27
N THR D 250 16.77 17.95 -14.81
CA THR D 250 17.72 17.47 -13.83
C THR D 250 17.42 18.09 -12.47
N ILE D 251 17.47 17.25 -11.44
CA ILE D 251 17.26 17.69 -10.06
C ILE D 251 18.49 17.30 -9.24
N GLU D 252 19.02 18.25 -8.47
CA GLU D 252 20.23 18.01 -7.71
C GLU D 252 20.25 18.85 -6.44
N LYS D 253 21.01 18.39 -5.46
CA LYS D 253 21.23 19.13 -4.23
C LYS D 253 21.91 20.47 -4.54
N SER D 254 21.40 21.54 -3.94
CA SER D 254 21.97 22.88 -4.10
C SER D 254 22.88 23.23 -2.93
N GLU D 255 23.56 24.37 -3.06
CA GLU D 255 24.45 24.89 -2.02
C GLU D 255 23.74 25.79 -1.00
N PHE D 256 22.43 25.92 -1.10
CA PHE D 256 21.67 26.88 -0.30
C PHE D 256 20.56 26.21 0.51
N PRO D 257 20.92 25.70 1.69
CA PRO D 257 19.95 24.97 2.49
C PRO D 257 18.90 25.88 3.12
N ALA D 258 17.82 25.25 3.58
CA ALA D 258 16.90 25.87 4.50
C ALA D 258 17.55 25.89 5.90
N VAL D 259 17.44 27.02 6.58
CA VAL D 259 18.07 27.19 7.89
C VAL D 259 16.98 27.47 8.91
N PHE D 260 16.97 26.66 9.97
CA PHE D 260 16.04 26.79 11.07
C PHE D 260 16.80 26.90 12.37
N PHE D 261 16.19 27.52 13.38
CA PHE D 261 16.73 27.36 14.72
C PHE D 261 16.64 25.89 15.06
N LYS D 262 17.60 25.41 15.84
CA LYS D 262 17.59 24.02 16.28
C LYS D 262 16.34 23.73 17.08
N ASN D 263 15.64 22.66 16.67
CA ASN D 263 14.50 22.12 17.40
C ASN D 263 15.01 20.81 17.99
N GLU D 264 15.35 20.85 19.27
CA GLU D 264 15.94 19.70 19.95
C GLU D 264 14.99 18.51 20.00
N LYS D 265 13.69 18.77 19.82
CA LYS D 265 12.67 17.72 19.83
C LYS D 265 12.20 17.28 18.44
N ARG D 266 12.93 17.65 17.40
CA ARG D 266 12.49 17.36 16.03
C ARG D 266 12.28 15.86 15.78
N PHE D 267 13.25 15.04 16.17
CA PHE D 267 13.13 13.60 15.97
C PHE D 267 11.99 13.01 16.82
N ARG D 268 11.95 13.37 18.09
CA ARG D 268 10.95 12.84 19.00
C ARG D 268 9.54 13.20 18.53
N ASN D 269 9.37 14.42 18.07
CA ASN D 269 8.06 14.95 17.68
C ASN D 269 7.58 14.39 16.35
N LEU D 270 8.50 13.91 15.51
CA LEU D 270 8.17 13.43 14.17
C LEU D 270 7.04 12.41 14.20
N PHE D 271 7.15 11.42 15.09
CA PHE D 271 6.26 10.28 15.09
C PHE D 271 4.83 10.62 15.48
N GLY D 272 4.67 11.49 16.47
CA GLY D 272 3.35 11.92 16.91
C GLY D 272 2.69 12.83 15.88
N LYS D 273 3.50 13.70 15.28
CA LYS D 273 3.02 14.63 14.24
C LYS D 273 2.55 13.88 13.01
N VAL D 274 3.30 12.87 12.59
CA VAL D 274 2.92 12.07 11.44
C VAL D 274 1.58 11.37 11.65
N ARG D 275 1.38 10.82 12.85
CA ARG D 275 0.13 10.11 13.18
C ARG D 275 -1.09 11.06 13.14
N SER D 276 -0.84 12.35 13.35
CA SER D 276 -1.89 13.39 13.33
C SER D 276 -2.18 13.96 11.94
N ILE D 277 -1.40 13.54 10.94
CA ILE D 277 -1.56 14.05 9.56
C ILE D 277 -2.96 13.76 9.03
N GLY D 278 -3.55 14.81 8.45
CA GLY D 278 -4.94 14.84 8.03
C GLY D 278 -5.34 16.29 7.73
MG MG E . -5.61 4.68 -24.14
PG ATP F . -4.86 7.89 -24.51
O1G ATP F . -3.53 7.83 -25.15
O2G ATP F . -5.64 6.58 -24.82
O3G ATP F . -5.67 9.13 -24.93
PB ATP F . -4.69 6.81 -21.93
O1B ATP F . -4.42 5.48 -22.51
O2B ATP F . -3.70 7.14 -20.78
O3B ATP F . -4.64 8.03 -22.93
PA ATP F . -7.48 6.22 -21.95
O1A ATP F . -8.32 7.33 -22.39
O2A ATP F . -7.15 5.19 -23.03
O3A ATP F . -6.17 6.90 -21.32
O5' ATP F . -8.16 5.50 -20.69
C5' ATP F . -8.77 6.28 -19.69
C4' ATP F . -8.81 5.42 -18.43
O4' ATP F . -7.50 5.22 -17.93
C3' ATP F . -9.59 6.02 -17.28
O3' ATP F . -10.96 5.69 -17.35
C2' ATP F . -8.93 5.35 -16.08
O2' ATP F . -9.77 4.35 -15.55
C1' ATP F . -7.64 4.74 -16.61
N9 ATP F . -6.49 5.01 -15.73
C8 ATP F . -5.70 4.06 -15.12
N7 ATP F . -4.76 4.67 -14.36
C5 ATP F . -4.94 6.01 -14.47
C6 ATP F . -4.27 7.11 -13.93
N6 ATP F . -3.18 7.02 -13.15
N1 ATP F . -4.72 8.38 -14.26
C2 ATP F . -5.79 8.57 -15.08
N3 ATP F . -6.44 7.49 -15.62
C4 ATP F . -6.02 6.23 -15.33
P1 POP G . -6.32 3.27 -26.88
O1 POP G . -7.49 2.68 -27.54
O2 POP G . -6.74 3.91 -25.54
O3 POP G . -5.72 4.33 -27.80
O POP G . -5.21 2.14 -26.61
P2 POP G . -4.30 2.08 -25.28
O4 POP G . -4.29 3.43 -24.64
O5 POP G . -4.86 1.04 -24.29
O6 POP G . -2.85 1.71 -25.68
MG MG H . -9.99 -10.84 20.86
PG ATP I . -7.07 -13.46 21.36
O1G ATP I . -8.22 -14.39 21.27
O2G ATP I . -5.94 -13.90 20.41
O3G ATP I . -6.54 -13.45 22.80
PB ATP I . -7.32 -11.32 19.47
O1B ATP I . -8.07 -10.04 19.44
O2B ATP I . -5.84 -11.12 19.13
O3B ATP I . -7.54 -11.96 20.94
PA ATP I . -9.49 -12.66 18.26
O1A ATP I . -9.56 -14.10 18.54
O2A ATP I . -10.32 -11.78 19.22
O3A ATP I . -7.93 -12.28 18.34
O5' ATP I . -9.95 -12.34 16.75
C5' ATP I . -9.50 -13.16 15.70
C4' ATP I . -9.61 -12.35 14.41
O4' ATP I . -8.65 -11.32 14.43
C3' ATP I . -9.37 -13.12 13.13
O3' ATP I . -10.56 -13.74 12.66
C2' ATP I . -8.87 -12.03 12.20
O2' ATP I . -9.90 -11.69 11.29
C1' ATP I . -8.55 -10.83 13.10
N9 ATP I . -7.24 -10.20 12.80
C8 ATP I . -7.04 -8.89 12.47
N7 ATP I . -5.72 -8.69 12.22
C5 ATP I . -5.08 -9.87 12.38
C6 ATP I . -3.74 -10.24 12.26
N6 ATP I . -2.80 -9.35 11.90
N1 ATP I . -3.41 -11.54 12.50
C2 ATP I . -4.35 -12.48 12.85
N3 ATP I . -5.67 -12.11 12.98
C4 ATP I . -6.03 -10.83 12.75
P1 POP J . -11.42 -8.41 21.37
O1 POP J . -10.23 -7.84 22.05
O2 POP J . -11.00 -9.50 20.37
O3 POP J . -12.14 -7.30 20.58
O POP J . -12.38 -9.00 22.53
P2 POP J . -12.47 -10.57 22.89
O4 POP J . -11.76 -11.35 21.85
O5 POP J . -11.79 -10.79 24.24
O6 POP J . -13.93 -11.02 22.97
MG MG K . 16.40 -19.57 -0.01
PG ATP L . 15.10 -21.29 2.50
O1G ATP L . 14.74 -22.71 2.72
O2G ATP L . 16.35 -21.20 1.59
O3G ATP L . 15.37 -20.63 3.87
PB ATP L . 13.80 -18.96 1.52
O1B ATP L . 14.37 -18.58 0.20
O2B ATP L . 12.31 -18.55 1.61
O3B ATP L . 13.89 -20.54 1.75
PA ATP L . 16.07 -17.68 2.66
O1A ATP L . 16.70 -18.32 3.83
O2A ATP L . 16.72 -18.00 1.31
O3A ATP L . 14.55 -18.17 2.71
O5' ATP L . 16.03 -16.07 2.84
C5' ATP L . 15.79 -15.45 4.08
C4' ATP L . 15.30 -14.04 3.79
O4' ATP L . 14.08 -14.02 3.08
C3' ATP L . 15.03 -13.20 5.03
O3' ATP L . 16.23 -12.63 5.52
C2' ATP L . 14.05 -12.17 4.50
O2' ATP L . 14.72 -10.93 4.35
C1' ATP L . 13.61 -12.70 3.12
N9 ATP L . 12.15 -12.57 2.94
C8 ATP L . 11.52 -11.87 1.94
N7 ATP L . 10.18 -11.96 2.12
C5 ATP L . 9.95 -12.73 3.21
C6 ATP L . 8.78 -13.14 3.83
N6 ATP L . 7.57 -12.82 3.34
N1 ATP L . 8.87 -13.93 4.96
C2 ATP L . 10.09 -14.30 5.47
N3 ATP L . 11.26 -13.90 4.85
C4 ATP L . 11.18 -13.12 3.74
P1 POP M . 17.18 -18.63 -2.96
O1 POP M . 16.22 -18.96 -4.03
O2 POP M . 16.45 -18.60 -1.60
O3 POP M . 17.80 -17.24 -3.22
O POP M . 18.34 -19.76 -2.95
P2 POP M . 19.03 -20.29 -1.59
O4 POP M . 18.46 -19.54 -0.44
O5 POP M . 18.73 -21.79 -1.41
O6 POP M . 20.55 -20.08 -1.64
MG MG N . -0.85 24.95 3.77
PG ATP O . -2.53 26.19 1.06
O1G ATP O . -1.62 26.29 2.23
O2G ATP O . -2.13 27.17 -0.05
O3G ATP O . -4.00 26.42 1.52
PB ATP O . -1.91 23.42 1.21
O1B ATP O . -1.90 23.42 2.69
O2B ATP O . -2.72 22.22 0.67
O3B ATP O . -2.42 24.71 0.44
PA ATP O . 0.81 24.07 1.18
O1A ATP O . 1.17 25.10 0.19
O2A ATP O . 0.61 24.50 2.62
O3A ATP O . -0.43 23.26 0.61
O5' ATP O . 1.96 22.95 1.19
C5' ATP O . 2.47 22.43 -0.04
C4' ATP O . 3.00 21.03 0.26
O4' ATP O . 1.93 20.12 0.48
C3' ATP O . 3.83 20.37 -0.85
O3' ATP O . 5.18 20.78 -0.80
C2' ATP O . 3.62 18.88 -0.57
O2' ATP O . 4.78 18.30 -0.02
C1' ATP O . 2.48 18.83 0.44
N9 ATP O . 1.48 17.78 0.11
C8 ATP O . 1.12 16.73 0.91
N7 ATP O . 0.24 15.95 0.25
C5 ATP O . 0.00 16.51 -0.97
C6 ATP O . -0.82 16.19 -2.04
N6 ATP O . -1.53 15.05 -2.07
N1 ATP O . -0.81 17.00 -3.17
C2 ATP O . -0.02 18.11 -3.23
N3 ATP O . 0.79 18.44 -2.16
C4 ATP O . 0.80 17.65 -1.05
P1 POP P . -0.27 27.30 5.79
O1 POP P . 0.82 28.10 6.38
O2 POP P . 0.26 26.35 4.71
O3 POP P . -1.29 28.24 5.14
O POP P . -1.00 26.46 6.95
P2 POP P . -1.68 25.03 6.70
O4 POP P . -1.73 24.75 5.24
O5 POP P . -0.83 23.90 7.34
O6 POP P . -3.10 25.07 7.31
#